data_7HIP
#
_entry.id   7HIP
#
_cell.length_a   87.786
_cell.length_b   87.786
_cell.length_c   85.905
_cell.angle_alpha   90.00
_cell.angle_beta   90.00
_cell.angle_gamma   120.00
#
_symmetry.space_group_name_H-M   'P 31'
#
loop_
_entity.id
_entity.type
_entity.pdbx_description
1 polymer 'Non-structural protein 3'
2 non-polymer 'DIMETHYL SULFOXIDE'
3 non-polymer 2-AMINO-2-HYDROXYMETHYL-PROPANE-1,3-DIOL
4 non-polymer 'CHLORIDE ION'
5 non-polymer 1-({5-[(1R)-1-(4-bromophenyl)ethyl]-1,2,4-oxadiazol-3-yl}methyl)pyridin-2(1H)-one
6 non-polymer GLYCEROL
7 water water
#
_entity_poly.entity_id   1
_entity_poly.type   'polypeptide(L)'
_entity_poly.pdbx_seq_one_letter_code
;GAMAPSYRVKRMDIAKNDEECVVNAANPRGLPGDGVCKAVYKKWPESFKNSATPVGTAKTVMCGTYPVIHAVGPNFSNYT
ESEGDRELAAAYREVAKEVTRLGVNSVAIPLLSTGVYSGGKDRLTQSLNHLFTAMDSTDADVVIYCRDKEWEKKISEAIQ
MRT
;
_entity_poly.pdbx_strand_id   A,B,C,D
#
loop_
_chem_comp.id
_chem_comp.type
_chem_comp.name
_chem_comp.formula
A1BCJ non-polymer 1-({5-[(1R)-1-(4-bromophenyl)ethyl]-1,2,4-oxadiazol-3-yl}methyl)pyridin-2(1H)-one 'C16 H14 Br N3 O2'
CL non-polymer 'CHLORIDE ION' 'Cl -1'
DMS non-polymer 'DIMETHYL SULFOXIDE' 'C2 H6 O S'
GOL non-polymer GLYCEROL 'C3 H8 O3'
TRS non-polymer 2-AMINO-2-HYDROXYMETHYL-PROPANE-1,3-DIOL 'C4 H12 N O3 1'
#
# COMPACT_ATOMS: atom_id res chain seq x y z
N GLY A 1 0.07 -11.05 22.15
CA GLY A 1 0.97 -12.17 21.90
C GLY A 1 0.30 -13.31 21.17
N ALA A 2 1.09 -14.23 20.60
CA ALA A 2 0.51 -15.41 19.97
C ALA A 2 -0.02 -16.36 21.05
N MET A 3 -1.11 -17.12 20.78
CA MET A 3 -1.68 -18.01 21.82
C MET A 3 -0.73 -19.13 22.26
N ALA A 4 0.09 -19.63 21.32
CA ALA A 4 1.06 -20.70 21.62
C ALA A 4 2.31 -20.31 20.83
N PRO A 5 3.10 -19.36 21.37
CA PRO A 5 4.25 -18.85 20.61
C PRO A 5 5.15 -19.95 20.02
N SER A 6 5.46 -19.85 18.71
CA SER A 6 6.24 -20.88 18.03
C SER A 6 7.39 -20.30 17.22
N TYR A 7 8.29 -21.20 16.77
CA TYR A 7 9.33 -20.92 15.77
C TYR A 7 9.02 -21.79 14.55
N ARG A 8 9.17 -21.19 13.37
CA ARG A 8 9.04 -21.91 12.11
C ARG A 8 10.17 -21.44 11.18
N VAL A 9 10.47 -22.23 10.11
CA VAL A 9 11.46 -21.79 9.14
C VAL A 9 10.86 -21.96 7.74
N LYS A 10 11.11 -20.96 6.85
CA LYS A 10 10.67 -21.04 5.45
C LYS A 10 11.85 -20.72 4.54
N ARG A 11 11.95 -21.45 3.41
CA ARG A 11 13.02 -21.21 2.44
C ARG A 11 12.42 -20.40 1.27
N MET A 12 12.55 -19.07 1.36
CA MET A 12 11.96 -18.16 0.37
C MET A 12 12.42 -16.74 0.70
N ASP A 13 12.14 -15.82 -0.21
CA ASP A 13 12.48 -14.41 -0.06
C ASP A 13 11.66 -13.76 1.05
N ILE A 14 12.37 -13.22 2.08
CA ILE A 14 11.69 -12.56 3.22
C ILE A 14 10.84 -11.36 2.81
N ALA A 15 11.11 -10.79 1.60
CA ALA A 15 10.25 -9.72 1.11
C ALA A 15 8.82 -10.18 0.79
N LYS A 16 8.56 -11.52 0.74
CA LYS A 16 7.24 -12.09 0.50
C LYS A 16 6.64 -12.66 1.83
N ASN A 17 7.16 -12.23 3.01
CA ASN A 17 6.71 -12.85 4.27
C ASN A 17 5.23 -12.65 4.56
N ASP A 18 4.69 -13.49 5.47
CA ASP A 18 3.29 -13.42 5.88
C ASP A 18 3.17 -13.05 7.38
N GLU A 19 4.15 -12.25 7.86
CA GLU A 19 4.19 -11.83 9.25
C GLU A 19 3.86 -10.33 9.45
N GLU A 20 3.66 -9.93 10.72
CA GLU A 20 3.24 -8.54 11.00
C GLU A 20 4.35 -7.49 10.91
N CYS A 21 5.60 -7.94 10.86
CA CYS A 21 6.75 -7.07 10.72
C CYS A 21 7.94 -7.87 10.21
N VAL A 22 8.98 -7.14 9.75
CA VAL A 22 10.15 -7.82 9.20
C VAL A 22 11.41 -7.26 9.83
N VAL A 23 12.43 -8.12 10.00
CA VAL A 23 13.76 -7.67 10.42
C VAL A 23 14.62 -7.64 9.17
N ASN A 24 15.25 -6.48 8.90
CA ASN A 24 16.21 -6.37 7.81
C ASN A 24 17.63 -6.69 8.35
N ALA A 25 18.45 -7.43 7.60
CA ALA A 25 19.85 -7.66 7.91
C ALA A 25 20.58 -6.45 7.28
N ALA A 26 20.56 -5.35 8.05
CA ALA A 26 20.98 -4.05 7.57
C ALA A 26 22.48 -3.76 7.66
N ASN A 27 22.92 -2.73 6.90
CA ASN A 27 24.27 -2.22 7.08
C ASN A 27 24.18 -0.97 7.96
N PRO A 28 25.29 -0.56 8.59
CA PRO A 28 25.20 0.59 9.53
C PRO A 28 24.81 1.92 8.90
N ARG A 29 25.01 2.07 7.59
CA ARG A 29 24.78 3.35 6.92
C ARG A 29 23.40 3.52 6.30
N GLY A 30 22.53 2.52 6.44
CA GLY A 30 21.21 2.61 5.83
C GLY A 30 21.23 2.56 4.33
N LEU A 31 22.26 1.93 3.75
CA LEU A 31 22.37 1.85 2.28
C LEU A 31 21.59 0.62 1.76
N PRO A 32 21.20 0.63 0.46
CA PRO A 32 20.47 -0.53 -0.09
C PRO A 32 21.16 -1.87 0.05
N GLY A 33 22.48 -1.89 -0.01
CA GLY A 33 23.22 -3.12 0.26
C GLY A 33 23.06 -4.24 -0.74
N ASP A 34 23.19 -5.49 -0.24
CA ASP A 34 23.15 -6.76 -0.97
C ASP A 34 22.27 -7.81 -0.26
N GLY A 35 21.97 -8.91 -0.94
CA GLY A 35 21.22 -10.02 -0.35
C GLY A 35 19.87 -9.64 0.25
N VAL A 36 19.60 -10.03 1.52
CA VAL A 36 18.35 -9.68 2.21
C VAL A 36 18.12 -8.15 2.18
N CYS A 37 19.19 -7.39 2.47
CA CYS A 37 19.06 -5.92 2.56
C CYS A 37 18.54 -5.29 1.25
N LYS A 38 19.07 -5.78 0.11
CA LYS A 38 18.62 -5.27 -1.19
C LYS A 38 17.15 -5.67 -1.48
N ALA A 39 16.75 -6.89 -1.07
CA ALA A 39 15.35 -7.33 -1.29
C ALA A 39 14.41 -6.44 -0.44
N VAL A 40 14.85 -6.14 0.79
CA VAL A 40 14.07 -5.28 1.69
C VAL A 40 13.98 -3.87 1.12
N TYR A 41 15.11 -3.34 0.55
CA TYR A 41 15.09 -2.02 -0.05
C TYR A 41 14.11 -1.96 -1.23
N LYS A 42 14.04 -3.02 -2.03
CA LYS A 42 13.14 -3.01 -3.20
C LYS A 42 11.66 -3.06 -2.75
N LYS A 43 11.38 -3.80 -1.67
CA LYS A 43 9.99 -3.96 -1.21
C LYS A 43 9.48 -2.80 -0.32
N TRP A 44 10.35 -2.28 0.54
CA TRP A 44 9.99 -1.24 1.52
C TRP A 44 11.00 -0.10 1.51
N PRO A 45 11.20 0.55 0.35
CA PRO A 45 12.23 1.62 0.28
C PRO A 45 12.00 2.78 1.26
N GLU A 46 10.73 3.09 1.54
CA GLU A 46 10.40 4.21 2.45
C GLU A 46 10.99 3.97 3.86
N SER A 47 11.18 2.67 4.23
CA SER A 47 11.70 2.38 5.54
C SER A 47 13.20 2.70 5.68
N PHE A 48 13.86 3.16 4.60
CA PHE A 48 15.28 3.49 4.71
C PHE A 48 15.53 5.00 5.03
N LYS A 49 14.45 5.75 5.32
CA LYS A 49 14.60 7.14 5.74
C LYS A 49 15.20 7.15 7.14
N ASN A 50 16.43 7.65 7.30
CA ASN A 50 17.07 7.73 8.62
C ASN A 50 17.14 6.37 9.32
N SER A 51 17.46 5.32 8.53
CA SER A 51 17.59 3.99 9.13
C SER A 51 19.04 3.67 9.59
N ALA A 52 20.02 4.51 9.29
CA ALA A 52 21.42 4.28 9.73
C ALA A 52 21.47 4.14 11.25
N THR A 53 22.25 3.15 11.74
CA THR A 53 22.34 2.85 13.17
C THR A 53 23.62 2.04 13.37
N PRO A 54 24.22 2.09 14.58
CA PRO A 54 25.51 1.38 14.75
C PRO A 54 25.43 -0.13 14.74
N VAL A 55 26.60 -0.77 14.59
CA VAL A 55 26.69 -2.23 14.71
C VAL A 55 26.20 -2.66 16.10
N GLY A 56 25.46 -3.77 16.15
CA GLY A 56 24.97 -4.29 17.44
C GLY A 56 23.65 -3.68 17.88
N THR A 57 23.03 -2.85 17.03
CA THR A 57 21.78 -2.18 17.38
C THR A 57 20.68 -2.45 16.36
N ALA A 58 19.41 -2.08 16.74
CA ALA A 58 18.29 -2.21 15.80
C ALA A 58 17.54 -0.89 15.82
N LYS A 59 17.06 -0.48 14.64
CA LYS A 59 16.29 0.79 14.54
C LYS A 59 15.10 0.50 13.65
N THR A 60 13.87 0.77 14.15
CA THR A 60 12.67 0.49 13.37
C THR A 60 12.19 1.74 12.63
N VAL A 61 11.83 1.58 11.35
CA VAL A 61 11.24 2.64 10.54
C VAL A 61 10.02 2.06 9.87
N MET A 62 8.90 2.79 9.92
N MET A 62 8.88 2.75 9.95
CA MET A 62 7.66 2.31 9.31
CA MET A 62 7.67 2.24 9.30
C MET A 62 7.63 2.52 7.79
C MET A 62 7.73 2.43 7.78
N CYS A 63 7.05 1.55 7.06
CA CYS A 63 6.75 1.71 5.62
C CYS A 63 5.20 1.65 5.63
N GLY A 64 4.54 2.83 5.56
CA GLY A 64 3.08 2.86 5.79
C GLY A 64 2.87 2.60 7.27
N THR A 65 2.17 1.51 7.63
CA THR A 65 2.07 1.08 9.02
C THR A 65 2.86 -0.23 9.25
N TYR A 66 3.63 -0.70 8.24
CA TYR A 66 4.33 -1.98 8.38
C TYR A 66 5.72 -1.72 8.92
N PRO A 67 6.09 -2.31 10.10
CA PRO A 67 7.40 -1.99 10.68
C PRO A 67 8.53 -2.77 10.06
N VAL A 68 9.64 -2.05 9.75
CA VAL A 68 10.85 -2.71 9.28
C VAL A 68 11.90 -2.44 10.36
N ILE A 69 12.38 -3.53 11.01
CA ILE A 69 13.33 -3.40 12.11
C ILE A 69 14.74 -3.60 11.48
N HIS A 70 15.53 -2.53 11.34
CA HIS A 70 16.85 -2.65 10.71
C HIS A 70 17.83 -3.10 11.79
N ALA A 71 18.32 -4.34 11.68
CA ALA A 71 19.23 -4.89 12.71
C ALA A 71 20.62 -5.04 12.10
N VAL A 72 21.63 -4.42 12.74
CA VAL A 72 22.97 -4.40 12.15
C VAL A 72 23.88 -5.40 12.84
N GLY A 73 24.08 -6.55 12.21
CA GLY A 73 25.05 -7.51 12.71
C GLY A 73 26.45 -7.07 12.29
N PRO A 74 27.45 -7.62 12.98
CA PRO A 74 28.85 -7.26 12.67
C PRO A 74 29.31 -7.92 11.38
N ASN A 75 30.27 -7.26 10.69
CA ASN A 75 30.92 -7.91 9.54
C ASN A 75 32.16 -8.61 10.10
N PHE A 76 32.14 -9.94 10.10
CA PHE A 76 33.22 -10.72 10.68
C PHE A 76 34.55 -10.57 9.91
N SER A 77 34.52 -9.96 8.71
CA SER A 77 35.82 -9.65 8.04
C SER A 77 36.57 -8.55 8.85
N ASN A 78 35.81 -7.67 9.57
CA ASN A 78 36.42 -6.56 10.30
C ASN A 78 36.61 -6.80 11.79
N TYR A 79 35.68 -7.54 12.43
CA TYR A 79 35.77 -7.79 13.86
C TYR A 79 36.54 -9.05 14.17
N THR A 80 37.08 -9.14 15.41
CA THR A 80 37.67 -10.42 15.86
C THR A 80 36.48 -11.39 16.13
N GLU A 81 36.76 -12.70 16.27
CA GLU A 81 35.67 -13.65 16.58
C GLU A 81 34.98 -13.28 17.92
N SER A 82 35.75 -12.94 18.95
CA SER A 82 35.20 -12.57 20.25
C SER A 82 34.29 -11.32 20.19
N GLU A 83 34.79 -10.23 19.54
CA GLU A 83 34.03 -8.99 19.48
C GLU A 83 32.83 -9.12 18.57
N GLY A 84 33.00 -9.82 17.45
CA GLY A 84 31.89 -10.03 16.51
C GLY A 84 30.81 -10.86 17.17
N ASP A 85 31.21 -11.89 17.96
CA ASP A 85 30.21 -12.70 18.66
C ASP A 85 29.36 -11.84 19.62
N ARG A 86 30.03 -10.92 20.34
CA ARG A 86 29.35 -10.06 21.30
C ARG A 86 28.36 -9.12 20.57
N GLU A 87 28.79 -8.53 19.43
CA GLU A 87 27.90 -7.60 18.70
C GLU A 87 26.72 -8.35 18.04
N LEU A 88 26.94 -9.59 17.62
CA LEU A 88 25.88 -10.36 16.96
C LEU A 88 24.79 -10.69 18.02
N ALA A 89 25.24 -11.12 19.22
CA ALA A 89 24.27 -11.37 20.29
C ALA A 89 23.49 -10.07 20.65
N ALA A 90 24.22 -8.94 20.67
CA ALA A 90 23.60 -7.65 21.03
C ALA A 90 22.54 -7.21 19.99
N ALA A 91 22.84 -7.39 18.68
CA ALA A 91 21.86 -7.00 17.65
C ALA A 91 20.53 -7.78 17.88
N TYR A 92 20.65 -9.11 18.16
CA TYR A 92 19.41 -9.87 18.37
C TYR A 92 18.67 -9.43 19.65
N ARG A 93 19.42 -9.07 20.75
CA ARG A 93 18.72 -8.58 21.95
C ARG A 93 17.92 -7.29 21.60
N GLU A 94 18.49 -6.41 20.74
CA GLU A 94 17.77 -5.19 20.35
C GLU A 94 16.54 -5.52 19.49
N VAL A 95 16.62 -6.56 18.65
CA VAL A 95 15.44 -6.97 17.85
C VAL A 95 14.33 -7.42 18.83
N ALA A 96 14.68 -8.20 19.88
CA ALA A 96 13.64 -8.65 20.82
C ALA A 96 12.95 -7.47 21.51
N LYS A 97 13.75 -6.45 21.89
CA LYS A 97 13.15 -5.24 22.52
C LYS A 97 12.18 -4.56 21.53
N GLU A 98 12.59 -4.43 20.24
CA GLU A 98 11.72 -3.75 19.28
C GLU A 98 10.44 -4.53 19.00
N VAL A 99 10.56 -5.87 18.83
CA VAL A 99 9.38 -6.70 18.59
C VAL A 99 8.41 -6.54 19.78
N THR A 100 8.96 -6.54 21.01
CA THR A 100 8.08 -6.40 22.21
C THR A 100 7.41 -5.00 22.19
N ARG A 101 8.19 -3.95 21.96
CA ARG A 101 7.66 -2.58 21.94
C ARG A 101 6.53 -2.38 20.91
N LEU A 102 6.69 -3.01 19.74
CA LEU A 102 5.72 -2.89 18.64
C LEU A 102 4.40 -3.63 18.93
N GLY A 103 4.41 -4.58 19.85
CA GLY A 103 3.18 -5.31 20.20
C GLY A 103 2.71 -6.29 19.13
N VAL A 104 3.59 -6.60 18.15
CA VAL A 104 3.20 -7.51 17.07
C VAL A 104 3.01 -8.94 17.58
N ASN A 105 2.20 -9.72 16.86
CA ASN A 105 2.02 -11.13 17.19
C ASN A 105 2.91 -12.07 16.36
N SER A 106 3.61 -11.53 15.34
CA SER A 106 4.51 -12.37 14.54
C SER A 106 5.61 -11.47 13.94
N VAL A 107 6.75 -12.06 13.61
CA VAL A 107 7.89 -11.36 13.04
C VAL A 107 8.64 -12.29 12.10
N ALA A 108 9.06 -11.75 10.92
CA ALA A 108 9.86 -12.50 9.93
C ALA A 108 11.34 -12.08 10.17
N ILE A 109 12.23 -13.05 10.33
N ILE A 109 12.24 -13.05 10.42
CA ILE A 109 13.61 -12.73 10.66
CA ILE A 109 13.64 -12.76 10.74
C ILE A 109 14.61 -13.54 9.86
C ILE A 109 14.62 -13.55 9.88
N PRO A 110 15.67 -12.90 9.37
CA PRO A 110 16.74 -13.64 8.68
C PRO A 110 17.89 -13.98 9.71
N LEU A 111 18.85 -14.89 9.35
CA LEU A 111 19.97 -15.13 10.27
C LEU A 111 21.04 -14.07 10.04
N LEU A 112 21.19 -13.15 11.00
CA LEU A 112 22.18 -12.06 10.86
C LEU A 112 23.60 -12.58 10.75
N SER A 113 24.45 -11.83 9.98
CA SER A 113 25.88 -12.11 9.82
C SER A 113 26.20 -13.49 9.22
N THR A 114 25.22 -14.07 8.46
CA THR A 114 25.47 -15.38 7.82
C THR A 114 25.77 -15.31 6.32
N GLY A 115 25.60 -14.15 5.72
CA GLY A 115 25.86 -13.95 4.29
C GLY A 115 27.20 -13.28 4.06
N VAL A 116 27.21 -12.12 3.36
CA VAL A 116 28.49 -11.43 3.09
C VAL A 116 29.17 -10.86 4.35
N TYR A 117 28.50 -10.80 5.51
CA TYR A 117 29.15 -10.40 6.75
C TYR A 117 29.70 -11.61 7.54
N SER A 118 29.65 -12.83 6.98
CA SER A 118 30.11 -14.02 7.73
C SER A 118 31.65 -14.16 7.80
N GLY A 119 32.37 -13.36 7.02
CA GLY A 119 33.82 -13.52 6.95
C GLY A 119 34.22 -14.86 6.35
N GLY A 120 33.36 -15.40 5.48
CA GLY A 120 33.63 -16.68 4.80
C GLY A 120 33.44 -17.94 5.62
N LYS A 121 32.79 -17.83 6.78
CA LYS A 121 32.59 -18.97 7.66
C LYS A 121 31.10 -19.34 7.74
N ASP A 122 30.81 -20.60 8.07
CA ASP A 122 29.44 -21.10 8.27
C ASP A 122 29.08 -20.69 9.67
N ARG A 123 28.10 -19.75 9.80
CA ARG A 123 27.69 -19.25 11.12
C ARG A 123 26.23 -19.55 11.43
N LEU A 124 25.64 -20.59 10.77
CA LEU A 124 24.25 -20.95 11.04
C LEU A 124 23.98 -21.18 12.53
N THR A 125 24.74 -22.11 13.17
CA THR A 125 24.48 -22.42 14.58
C THR A 125 24.73 -21.23 15.48
N GLN A 126 25.81 -20.51 15.23
CA GLN A 126 26.14 -19.32 16.04
C GLN A 126 25.02 -18.28 16.00
N SER A 127 24.58 -17.95 14.77
CA SER A 127 23.60 -16.88 14.61
C SER A 127 22.22 -17.35 15.14
N LEU A 128 21.84 -18.60 14.82
CA LEU A 128 20.53 -19.12 15.27
C LEU A 128 20.48 -19.20 16.79
N ASN A 129 21.57 -19.64 17.44
CA ASN A 129 21.54 -19.72 18.91
C ASN A 129 21.39 -18.34 19.54
N HIS A 130 22.04 -17.30 18.93
CA HIS A 130 21.85 -15.95 19.48
C HIS A 130 20.40 -15.47 19.23
N LEU A 131 19.79 -15.88 18.10
CA LEU A 131 18.39 -15.54 17.82
C LEU A 131 17.50 -16.15 18.92
N PHE A 132 17.72 -17.45 19.21
CA PHE A 132 16.90 -18.09 20.26
C PHE A 132 17.12 -17.41 21.62
N THR A 133 18.39 -17.11 21.97
CA THR A 133 18.65 -16.48 23.28
C THR A 133 17.86 -15.19 23.49
N ALA A 134 17.73 -14.41 22.40
CA ALA A 134 17.02 -13.15 22.49
C ALA A 134 15.50 -13.34 22.41
N MET A 135 15.03 -14.20 21.49
CA MET A 135 13.59 -14.28 21.19
C MET A 135 12.82 -15.23 22.10
N ASP A 136 13.51 -16.13 22.82
CA ASP A 136 12.77 -17.11 23.63
C ASP A 136 11.83 -16.48 24.64
N SER A 137 12.22 -15.32 25.21
CA SER A 137 11.36 -14.69 26.22
C SER A 137 10.25 -13.81 25.62
N THR A 138 10.19 -13.70 24.28
CA THR A 138 9.09 -12.95 23.66
C THR A 138 7.94 -13.92 23.35
N ASP A 139 6.72 -13.37 23.16
CA ASP A 139 5.58 -14.24 22.84
C ASP A 139 5.09 -14.07 21.39
N ALA A 140 5.94 -13.49 20.51
CA ALA A 140 5.57 -13.40 19.09
C ALA A 140 5.85 -14.74 18.38
N ASP A 141 5.05 -15.08 17.34
CA ASP A 141 5.40 -16.21 16.48
C ASP A 141 6.60 -15.75 15.63
N VAL A 142 7.67 -16.52 15.60
CA VAL A 142 8.87 -16.12 14.86
C VAL A 142 8.99 -17.02 13.64
N VAL A 143 9.16 -16.42 12.45
CA VAL A 143 9.35 -17.21 11.23
C VAL A 143 10.71 -16.81 10.66
N ILE A 144 11.63 -17.79 10.64
CA ILE A 144 12.99 -17.56 10.16
C ILE A 144 13.03 -17.83 8.65
N TYR A 145 13.66 -16.93 7.88
CA TYR A 145 13.72 -17.07 6.43
C TYR A 145 15.14 -17.40 6.01
N CYS A 146 15.29 -18.35 5.10
CA CYS A 146 16.62 -18.71 4.59
C CYS A 146 16.50 -18.97 3.09
N ARG A 147 17.64 -19.17 2.37
CA ARG A 147 17.53 -19.45 0.93
C ARG A 147 18.11 -20.81 0.55
N ASP A 148 18.98 -21.39 1.39
CA ASP A 148 19.65 -22.65 1.05
C ASP A 148 18.89 -23.88 1.56
N LYS A 149 18.77 -24.94 0.72
CA LYS A 149 18.01 -26.14 1.09
C LYS A 149 18.60 -26.88 2.30
N GLU A 150 19.96 -26.96 2.36
CA GLU A 150 20.59 -27.63 3.49
C GLU A 150 20.43 -26.80 4.77
N TRP A 151 20.47 -25.45 4.66
CA TRP A 151 20.25 -24.60 5.82
C TRP A 151 18.82 -24.75 6.33
N GLU A 152 17.82 -24.85 5.43
CA GLU A 152 16.43 -25.04 5.86
C GLU A 152 16.29 -26.30 6.72
N LYS A 153 16.91 -27.41 6.28
CA LYS A 153 16.83 -28.67 7.02
C LYS A 153 17.50 -28.54 8.40
N LYS A 154 18.68 -27.89 8.45
CA LYS A 154 19.41 -27.72 9.73
C LYS A 154 18.68 -26.79 10.71
N ILE A 155 18.09 -25.70 10.21
CA ILE A 155 17.33 -24.80 11.08
C ILE A 155 16.09 -25.51 11.58
N SER A 156 15.39 -26.24 10.69
CA SER A 156 14.19 -26.99 11.11
C SER A 156 14.53 -28.04 12.17
N GLU A 157 15.64 -28.75 11.99
CA GLU A 157 16.08 -29.74 12.99
C GLU A 157 16.34 -29.10 14.35
N ALA A 158 17.01 -27.94 14.36
CA ALA A 158 17.32 -27.23 15.59
C ALA A 158 16.03 -26.78 16.30
N ILE A 159 15.04 -26.28 15.52
CA ILE A 159 13.76 -25.89 16.13
C ILE A 159 13.06 -27.11 16.76
N GLN A 160 12.96 -28.21 15.99
CA GLN A 160 12.21 -29.38 16.47
C GLN A 160 12.85 -30.05 17.66
N MET A 161 14.18 -30.03 17.74
CA MET A 161 14.92 -30.66 18.84
C MET A 161 14.55 -30.12 20.22
N ARG A 162 14.15 -28.83 20.29
CA ARG A 162 13.82 -28.21 21.56
C ARG A 162 12.37 -28.39 22.01
N THR A 163 11.50 -28.92 21.13
CA THR A 163 10.08 -29.11 21.43
C THR A 163 9.77 -30.43 22.10
N GLY B 1 -19.91 -28.35 1.54
CA GLY B 1 -20.25 -27.87 0.21
C GLY B 1 -20.92 -26.52 0.20
N ALA B 2 -21.00 -25.87 -0.97
CA ALA B 2 -21.67 -24.57 -1.06
C ALA B 2 -23.18 -24.78 -0.99
N MET B 3 -23.93 -23.85 -0.37
CA MET B 3 -25.40 -24.01 -0.24
C MET B 3 -26.10 -24.28 -1.58
N ALA B 4 -25.65 -23.58 -2.64
CA ALA B 4 -26.20 -23.70 -3.97
C ALA B 4 -24.99 -23.66 -4.89
N PRO B 5 -24.29 -24.81 -5.05
CA PRO B 5 -23.04 -24.81 -5.84
C PRO B 5 -23.15 -24.06 -7.17
N SER B 6 -22.20 -23.16 -7.44
CA SER B 6 -22.25 -22.35 -8.66
C SER B 6 -20.92 -22.32 -9.39
N TYR B 7 -20.94 -21.79 -10.62
CA TYR B 7 -19.79 -21.40 -11.40
C TYR B 7 -19.89 -19.87 -11.58
N ARG B 8 -18.74 -19.18 -11.45
CA ARG B 8 -18.63 -17.74 -11.68
C ARG B 8 -17.32 -17.48 -12.41
N VAL B 9 -17.19 -16.33 -13.09
CA VAL B 9 -15.94 -15.99 -13.75
C VAL B 9 -15.44 -14.60 -13.26
N LYS B 10 -14.13 -14.45 -13.11
CA LYS B 10 -13.57 -13.14 -12.74
C LYS B 10 -12.39 -12.84 -13.66
N ARG B 11 -12.28 -11.60 -14.10
CA ARG B 11 -11.18 -11.18 -14.93
C ARG B 11 -10.15 -10.43 -14.06
N MET B 12 -9.19 -11.17 -13.52
CA MET B 12 -8.17 -10.61 -12.62
C MET B 12 -7.12 -11.67 -12.34
N ASP B 13 -6.03 -11.26 -11.68
CA ASP B 13 -4.92 -12.14 -11.32
C ASP B 13 -5.38 -13.14 -10.27
N ILE B 14 -5.30 -14.46 -10.62
CA ILE B 14 -5.72 -15.53 -9.72
C ILE B 14 -4.95 -15.53 -8.38
N ALA B 15 -3.76 -14.88 -8.34
CA ALA B 15 -3.05 -14.76 -7.06
C ALA B 15 -3.80 -13.89 -6.03
N LYS B 16 -4.73 -13.06 -6.48
CA LYS B 16 -5.55 -12.22 -5.61
C LYS B 16 -6.92 -12.81 -5.32
N ASN B 17 -7.11 -14.14 -5.57
CA ASN B 17 -8.38 -14.77 -5.35
C ASN B 17 -8.80 -14.70 -3.91
N ASP B 18 -10.11 -14.69 -3.70
CA ASP B 18 -10.68 -14.69 -2.36
C ASP B 18 -11.28 -16.08 -2.01
N GLU B 19 -10.97 -17.14 -2.81
CA GLU B 19 -11.48 -18.48 -2.59
C GLU B 19 -10.66 -19.28 -1.57
N GLU B 20 -11.17 -20.44 -1.16
CA GLU B 20 -10.51 -21.23 -0.12
C GLU B 20 -9.27 -21.97 -0.56
N CYS B 21 -9.05 -22.09 -1.87
CA CYS B 21 -7.87 -22.74 -2.43
C CYS B 21 -7.70 -22.30 -3.87
N VAL B 22 -6.50 -22.54 -4.41
CA VAL B 22 -6.19 -22.14 -5.77
C VAL B 22 -5.64 -23.32 -6.56
N VAL B 23 -5.96 -23.34 -7.85
CA VAL B 23 -5.36 -24.31 -8.79
C VAL B 23 -4.31 -23.55 -9.59
N ASN B 24 -3.05 -24.00 -9.52
CA ASN B 24 -1.98 -23.40 -10.29
C ASN B 24 -1.93 -24.13 -11.68
N ALA B 25 -1.72 -23.38 -12.77
CA ALA B 25 -1.52 -23.96 -14.09
C ALA B 25 -0.01 -24.21 -14.14
N ALA B 26 0.37 -25.35 -13.55
CA ALA B 26 1.76 -25.70 -13.31
C ALA B 26 2.51 -26.33 -14.48
N ASN B 27 3.87 -26.28 -14.42
CA ASN B 27 4.68 -27.08 -15.29
C ASN B 27 5.07 -28.38 -14.53
N PRO B 28 5.50 -29.42 -15.23
CA PRO B 28 5.79 -30.70 -14.54
C PRO B 28 6.95 -30.66 -13.56
N ARG B 29 7.81 -29.64 -13.64
CA ARG B 29 9.02 -29.60 -12.83
C ARG B 29 8.94 -28.73 -11.60
N GLY B 30 7.81 -28.09 -11.34
CA GLY B 30 7.70 -27.22 -10.16
C GLY B 30 8.57 -25.97 -10.31
N LEU B 31 8.72 -25.48 -11.55
CA LEU B 31 9.49 -24.25 -11.81
C LEU B 31 8.55 -23.02 -11.80
N PRO B 32 9.08 -21.80 -11.57
CA PRO B 32 8.22 -20.59 -11.56
C PRO B 32 7.38 -20.34 -12.81
N GLY B 33 7.90 -20.68 -13.97
CA GLY B 33 7.14 -20.60 -15.20
C GLY B 33 6.66 -19.23 -15.67
N ASP B 34 5.55 -19.21 -16.43
CA ASP B 34 4.94 -18.02 -17.04
C ASP B 34 3.47 -17.85 -16.68
N GLY B 35 2.89 -16.68 -17.01
CA GLY B 35 1.48 -16.39 -16.80
C GLY B 35 0.98 -16.68 -15.39
N VAL B 36 -0.09 -17.49 -15.28
CA VAL B 36 -0.65 -17.84 -13.97
C VAL B 36 0.40 -18.42 -13.01
N CYS B 37 1.24 -19.33 -13.51
CA CYS B 37 2.25 -19.98 -12.68
C CYS B 37 3.20 -18.96 -12.05
N LYS B 38 3.65 -17.99 -12.86
CA LYS B 38 4.57 -16.96 -12.36
C LYS B 38 3.91 -16.13 -11.24
N ALA B 39 2.63 -15.85 -11.40
CA ALA B 39 1.88 -15.11 -10.40
C ALA B 39 1.73 -15.92 -9.10
N VAL B 40 1.46 -17.22 -9.24
CA VAL B 40 1.32 -18.10 -8.07
C VAL B 40 2.67 -18.24 -7.34
N TYR B 41 3.79 -18.23 -8.09
CA TYR B 41 5.12 -18.29 -7.47
C TYR B 41 5.42 -16.99 -6.72
N LYS B 42 4.89 -15.86 -7.21
CA LYS B 42 5.20 -14.56 -6.57
C LYS B 42 4.59 -14.51 -5.16
N LYS B 43 3.45 -15.19 -4.94
CA LYS B 43 2.80 -15.17 -3.63
C LYS B 43 3.08 -16.40 -2.75
N TRP B 44 3.05 -17.60 -3.35
CA TRP B 44 3.26 -18.84 -2.61
C TRP B 44 4.46 -19.62 -3.14
N PRO B 45 5.69 -19.06 -3.10
CA PRO B 45 6.85 -19.81 -3.64
C PRO B 45 7.10 -21.09 -2.87
N GLU B 46 6.84 -21.08 -1.55
CA GLU B 46 7.05 -22.27 -0.73
C GLU B 46 6.07 -23.40 -1.09
N SER B 47 4.99 -23.08 -1.84
CA SER B 47 4.11 -24.13 -2.36
C SER B 47 4.79 -24.95 -3.45
N PHE B 48 5.93 -24.48 -3.99
CA PHE B 48 6.65 -25.21 -5.02
C PHE B 48 7.64 -26.22 -4.43
N LYS B 49 7.69 -26.37 -3.08
CA LYS B 49 8.58 -27.35 -2.48
C LYS B 49 8.06 -28.74 -2.84
N ASN B 50 8.83 -29.48 -3.63
CA ASN B 50 8.43 -30.83 -4.05
C ASN B 50 7.08 -30.86 -4.77
N SER B 51 6.82 -29.84 -5.60
CA SER B 51 5.55 -29.78 -6.34
C SER B 51 5.65 -30.45 -7.73
N ALA B 52 6.85 -30.92 -8.16
CA ALA B 52 7.00 -31.59 -9.47
C ALA B 52 6.05 -32.81 -9.56
N THR B 53 5.35 -32.94 -10.69
CA THR B 53 4.37 -34.02 -10.86
C THR B 53 4.13 -34.16 -12.38
N PRO B 54 3.76 -35.36 -12.85
CA PRO B 54 3.65 -35.55 -14.30
C PRO B 54 2.50 -34.81 -14.98
N VAL B 55 2.58 -34.72 -16.31
CA VAL B 55 1.48 -34.18 -17.11
C VAL B 55 0.21 -35.04 -16.85
N GLY B 56 -0.93 -34.35 -16.73
CA GLY B 56 -2.20 -35.04 -16.52
C GLY B 56 -2.52 -35.30 -15.06
N THR B 57 -1.67 -34.76 -14.14
CA THR B 57 -1.90 -34.99 -12.71
C THR B 57 -1.99 -33.67 -11.93
N ALA B 58 -2.40 -33.79 -10.64
CA ALA B 58 -2.43 -32.63 -9.76
C ALA B 58 -1.74 -33.02 -8.44
N LYS B 59 -0.97 -32.08 -7.89
CA LYS B 59 -0.29 -32.33 -6.62
C LYS B 59 -0.50 -31.12 -5.73
N THR B 60 -1.06 -31.33 -4.53
CA THR B 60 -1.36 -30.20 -3.64
C THR B 60 -0.27 -29.99 -2.60
N VAL B 61 0.15 -28.73 -2.40
CA VAL B 61 1.12 -28.38 -1.36
C VAL B 61 0.45 -27.35 -0.47
N MET B 62 0.38 -27.63 0.86
CA MET B 62 -0.26 -26.72 1.79
C MET B 62 0.71 -25.61 2.18
N CYS B 63 0.18 -24.35 2.27
CA CYS B 63 0.95 -23.21 2.76
C CYS B 63 0.18 -22.78 3.96
N GLY B 64 0.52 -23.35 5.13
CA GLY B 64 -0.24 -23.13 6.35
C GLY B 64 -1.55 -23.87 6.18
N THR B 65 -2.67 -23.13 6.15
CA THR B 65 -3.97 -23.74 5.90
C THR B 65 -4.45 -23.52 4.47
N TYR B 66 -3.66 -22.85 3.60
CA TYR B 66 -4.12 -22.55 2.25
C TYR B 66 -3.59 -23.58 1.26
N PRO B 67 -4.46 -24.37 0.60
CA PRO B 67 -3.97 -25.35 -0.37
C PRO B 67 -3.72 -24.78 -1.76
N VAL B 68 -2.56 -25.15 -2.34
CA VAL B 68 -2.23 -24.80 -3.73
C VAL B 68 -2.20 -26.11 -4.50
N ILE B 69 -3.16 -26.29 -5.45
CA ILE B 69 -3.26 -27.53 -6.20
C ILE B 69 -2.51 -27.32 -7.52
N HIS B 70 -1.33 -27.91 -7.69
CA HIS B 70 -0.56 -27.73 -8.90
C HIS B 70 -1.10 -28.71 -9.96
N ALA B 71 -1.75 -28.20 -11.02
CA ALA B 71 -2.36 -29.07 -12.05
C ALA B 71 -1.58 -28.91 -13.33
N VAL B 72 -1.08 -30.04 -13.87
CA VAL B 72 -0.20 -29.96 -15.05
C VAL B 72 -0.95 -30.34 -16.33
N GLY B 73 -1.33 -29.34 -17.12
CA GLY B 73 -1.93 -29.63 -18.42
C GLY B 73 -0.81 -29.89 -19.42
N PRO B 74 -1.18 -30.51 -20.55
CA PRO B 74 -0.19 -30.81 -21.58
C PRO B 74 0.19 -29.55 -22.35
N ASN B 75 1.44 -29.55 -22.89
CA ASN B 75 1.88 -28.50 -23.79
C ASN B 75 1.59 -29.01 -25.20
N PHE B 76 0.62 -28.39 -25.89
CA PHE B 76 0.22 -28.83 -27.24
C PHE B 76 1.32 -28.58 -28.31
N SER B 77 2.40 -27.88 -27.95
CA SER B 77 3.53 -27.83 -28.89
C SER B 77 4.19 -29.24 -28.96
N ASN B 78 4.09 -30.05 -27.85
CA ASN B 78 4.75 -31.36 -27.78
C ASN B 78 3.81 -32.53 -27.99
N TYR B 79 2.58 -32.41 -27.44
CA TYR B 79 1.60 -33.49 -27.59
C TYR B 79 0.81 -33.36 -28.88
N THR B 80 0.32 -34.50 -29.41
CA THR B 80 -0.61 -34.44 -30.52
C THR B 80 -1.97 -33.95 -30.01
N GLU B 81 -2.88 -33.58 -30.93
CA GLU B 81 -4.22 -33.18 -30.49
C GLU B 81 -4.92 -34.32 -29.73
N SER B 82 -4.75 -35.56 -30.23
CA SER B 82 -5.40 -36.70 -29.57
C SER B 82 -4.84 -36.93 -28.16
N GLU B 83 -3.52 -37.05 -28.05
CA GLU B 83 -2.95 -37.37 -26.72
C GLU B 83 -3.11 -36.19 -25.75
N GLY B 84 -2.99 -34.97 -26.26
CA GLY B 84 -3.15 -33.80 -25.41
C GLY B 84 -4.56 -33.65 -24.91
N ASP B 85 -5.56 -34.00 -25.76
CA ASP B 85 -6.96 -33.88 -25.28
C ASP B 85 -7.19 -34.79 -24.09
N ARG B 86 -6.62 -36.02 -24.14
CA ARG B 86 -6.77 -36.97 -23.04
C ARG B 86 -6.05 -36.47 -21.77
N GLU B 87 -4.83 -35.91 -21.91
CA GLU B 87 -4.11 -35.42 -20.72
C GLU B 87 -4.77 -34.19 -20.11
N LEU B 88 -5.39 -33.35 -20.96
CA LEU B 88 -6.01 -32.13 -20.42
C LEU B 88 -7.28 -32.54 -19.62
N ALA B 89 -8.06 -33.50 -20.17
CA ALA B 89 -9.21 -34.01 -19.40
C ALA B 89 -8.75 -34.62 -18.07
N ALA B 90 -7.63 -35.38 -18.12
CA ALA B 90 -7.12 -36.06 -16.91
C ALA B 90 -6.68 -35.08 -15.84
N ALA B 91 -6.00 -33.99 -16.23
CA ALA B 91 -5.55 -32.99 -15.23
C ALA B 91 -6.75 -32.43 -14.50
N TYR B 92 -7.83 -32.11 -15.24
CA TYR B 92 -9.01 -31.56 -14.57
C TYR B 92 -9.68 -32.60 -13.66
N ARG B 93 -9.72 -33.89 -14.09
CA ARG B 93 -10.32 -34.91 -13.20
C ARG B 93 -9.52 -35.00 -11.89
N GLU B 94 -8.17 -34.86 -11.95
N GLU B 94 -8.19 -34.84 -11.96
CA GLU B 94 -7.38 -34.91 -10.70
CA GLU B 94 -7.39 -34.90 -10.73
C GLU B 94 -7.67 -33.68 -9.84
C GLU B 94 -7.62 -33.66 -9.84
N VAL B 95 -7.91 -32.50 -10.47
CA VAL B 95 -8.24 -31.29 -9.68
C VAL B 95 -9.59 -31.56 -8.93
N ALA B 96 -10.58 -32.18 -9.62
CA ALA B 96 -11.87 -32.44 -8.94
C ALA B 96 -11.69 -33.36 -7.73
N LYS B 97 -10.84 -34.39 -7.86
CA LYS B 97 -10.58 -35.30 -6.74
C LYS B 97 -9.92 -34.54 -5.59
N GLU B 98 -8.94 -33.66 -5.89
CA GLU B 98 -8.25 -32.91 -4.82
C GLU B 98 -9.20 -31.91 -4.14
N VAL B 99 -10.02 -31.19 -4.93
CA VAL B 99 -10.98 -30.24 -4.34
C VAL B 99 -11.95 -31.01 -3.39
N THR B 100 -12.37 -32.21 -3.83
CA THR B 100 -13.30 -33.00 -2.96
C THR B 100 -12.57 -33.43 -1.69
N ARG B 101 -11.35 -33.95 -1.84
CA ARG B 101 -10.56 -34.44 -0.68
C ARG B 101 -10.32 -33.32 0.36
N LEU B 102 -10.03 -32.10 -0.14
CA LEU B 102 -9.73 -30.96 0.73
C LEU B 102 -10.94 -30.46 1.52
N GLY B 103 -12.16 -30.77 1.06
CA GLY B 103 -13.38 -30.37 1.75
C GLY B 103 -13.66 -28.88 1.67
N VAL B 104 -13.01 -28.17 0.71
CA VAL B 104 -13.21 -26.74 0.57
C VAL B 104 -14.60 -26.43 0.04
N ASN B 105 -15.09 -25.23 0.35
CA ASN B 105 -16.38 -24.78 -0.17
C ASN B 105 -16.24 -23.92 -1.44
N SER B 106 -15.02 -23.52 -1.81
CA SER B 106 -14.78 -22.74 -3.03
C SER B 106 -13.36 -23.00 -3.53
N VAL B 107 -13.15 -22.78 -4.82
CA VAL B 107 -11.86 -22.97 -5.48
C VAL B 107 -11.71 -22.02 -6.62
N ALA B 108 -10.50 -21.43 -6.77
CA ALA B 108 -10.15 -20.51 -7.87
C ALA B 108 -9.41 -21.37 -8.91
N ILE B 109 -9.86 -21.35 -10.16
N ILE B 109 -9.91 -21.41 -10.17
CA ILE B 109 -9.26 -22.19 -11.20
CA ILE B 109 -9.31 -22.25 -11.23
C ILE B 109 -9.03 -21.45 -12.50
C ILE B 109 -9.04 -21.47 -12.50
N PRO B 110 -7.85 -21.63 -13.10
CA PRO B 110 -7.60 -21.03 -14.42
C PRO B 110 -7.92 -22.01 -15.57
N LEU B 111 -7.95 -21.56 -16.86
CA LEU B 111 -8.18 -22.51 -17.95
C LEU B 111 -6.82 -23.13 -18.35
N LEU B 112 -6.64 -24.39 -18.00
CA LEU B 112 -5.40 -25.10 -18.29
C LEU B 112 -5.14 -25.20 -19.79
N SER B 113 -3.83 -25.13 -20.16
CA SER B 113 -3.36 -25.31 -21.54
C SER B 113 -3.87 -24.24 -22.51
N THR B 114 -4.27 -23.05 -21.99
CA THR B 114 -4.77 -21.97 -22.89
C THR B 114 -3.76 -20.85 -23.17
N GLY B 115 -2.65 -20.84 -22.45
CA GLY B 115 -1.62 -19.80 -22.63
C GLY B 115 -0.46 -20.32 -23.46
N VAL B 116 0.76 -20.29 -22.89
CA VAL B 116 1.94 -20.78 -23.61
C VAL B 116 1.92 -22.30 -23.90
N TYR B 117 1.02 -23.07 -23.25
CA TYR B 117 0.91 -24.50 -23.59
C TYR B 117 -0.20 -24.74 -24.67
N SER B 118 -0.79 -23.68 -25.26
CA SER B 118 -1.86 -23.90 -26.27
C SER B 118 -1.38 -24.35 -27.65
N GLY B 119 -0.08 -24.28 -27.89
CA GLY B 119 0.44 -24.61 -29.22
C GLY B 119 -0.03 -23.61 -30.27
N GLY B 120 -0.30 -22.36 -29.83
CA GLY B 120 -0.76 -21.27 -30.72
C GLY B 120 -2.20 -21.35 -31.17
N LYS B 121 -3.03 -22.21 -30.53
CA LYS B 121 -4.43 -22.36 -30.89
C LYS B 121 -5.33 -21.78 -29.79
N ASP B 122 -6.54 -21.33 -30.14
CA ASP B 122 -7.54 -20.83 -29.18
C ASP B 122 -8.18 -22.06 -28.58
N ARG B 123 -7.94 -22.32 -27.28
CA ARG B 123 -8.48 -23.52 -26.62
C ARG B 123 -9.46 -23.21 -25.49
N LEU B 124 -10.11 -22.02 -25.54
CA LEU B 124 -11.11 -21.67 -24.51
C LEU B 124 -12.20 -22.74 -24.39
N THR B 125 -12.86 -23.08 -25.53
CA THR B 125 -13.97 -24.03 -25.45
C THR B 125 -13.52 -25.44 -25.03
N GLN B 126 -12.40 -25.90 -25.57
CA GLN B 126 -11.88 -27.22 -25.21
C GLN B 126 -11.57 -27.31 -23.71
N SER B 127 -10.82 -26.30 -23.21
CA SER B 127 -10.38 -26.36 -21.82
C SER B 127 -11.58 -26.19 -20.87
N LEU B 128 -12.49 -25.26 -21.20
CA LEU B 128 -13.66 -25.04 -20.34
C LEU B 128 -14.57 -26.28 -20.34
N ASN B 129 -14.70 -26.95 -21.49
CA ASN B 129 -15.50 -28.19 -21.56
C ASN B 129 -14.93 -29.26 -20.62
N HIS B 130 -13.58 -29.43 -20.63
CA HIS B 130 -13.00 -30.44 -19.74
C HIS B 130 -13.12 -30.02 -18.27
N LEU B 131 -13.09 -28.70 -18.00
CA LEU B 131 -13.24 -28.20 -16.62
C LEU B 131 -14.67 -28.56 -16.13
N PHE B 132 -15.68 -28.26 -16.95
CA PHE B 132 -17.06 -28.60 -16.53
C PHE B 132 -17.20 -30.14 -16.37
N THR B 133 -16.67 -30.94 -17.32
CA THR B 133 -16.82 -32.41 -17.22
C THR B 133 -16.31 -32.95 -15.87
N ALA B 134 -15.20 -32.35 -15.38
CA ALA B 134 -14.64 -32.83 -14.11
C ALA B 134 -15.36 -32.20 -12.89
N MET B 135 -15.64 -30.87 -12.96
CA MET B 135 -16.12 -30.17 -11.77
C MET B 135 -17.63 -30.26 -11.56
N ASP B 136 -18.41 -30.66 -12.59
CA ASP B 136 -19.86 -30.64 -12.43
C ASP B 136 -20.36 -31.47 -11.25
N SER B 137 -19.70 -32.61 -10.99
CA SER B 137 -20.14 -33.49 -9.90
C SER B 137 -19.63 -33.06 -8.52
N THR B 138 -18.85 -31.98 -8.44
CA THR B 138 -18.38 -31.47 -7.14
C THR B 138 -19.37 -30.43 -6.62
N ASP B 139 -19.38 -30.18 -5.27
CA ASP B 139 -20.32 -29.18 -4.75
C ASP B 139 -19.62 -27.89 -4.28
N ALA B 140 -18.35 -27.67 -4.70
CA ALA B 140 -17.67 -26.42 -4.31
C ALA B 140 -18.13 -25.31 -5.26
N ASP B 141 -18.12 -24.04 -4.77
CA ASP B 141 -18.32 -22.93 -5.67
C ASP B 141 -17.03 -22.79 -6.50
N VAL B 142 -17.14 -22.83 -7.82
CA VAL B 142 -15.96 -22.73 -8.68
C VAL B 142 -15.90 -21.32 -9.26
N VAL B 143 -14.72 -20.64 -9.13
CA VAL B 143 -14.55 -19.32 -9.70
C VAL B 143 -13.42 -19.44 -10.72
N ILE B 144 -13.76 -19.26 -11.99
CA ILE B 144 -12.80 -19.36 -13.09
C ILE B 144 -12.17 -18.00 -13.31
N TYR B 145 -10.82 -17.96 -13.42
CA TYR B 145 -10.10 -16.69 -13.60
C TYR B 145 -9.58 -16.61 -15.02
N CYS B 146 -9.62 -15.41 -15.59
CA CYS B 146 -9.07 -15.16 -16.93
C CYS B 146 -8.51 -13.73 -16.95
N ARG B 147 -7.82 -13.32 -18.02
CA ARG B 147 -7.30 -11.94 -18.07
C ARG B 147 -7.88 -11.11 -19.22
N ASP B 148 -8.37 -11.77 -20.26
CA ASP B 148 -8.85 -11.11 -21.47
C ASP B 148 -10.35 -10.80 -21.41
N LYS B 149 -10.74 -9.56 -21.82
CA LYS B 149 -12.14 -9.14 -21.78
C LYS B 149 -13.06 -9.99 -22.66
N GLU B 150 -12.59 -10.38 -23.86
CA GLU B 150 -13.42 -11.21 -24.75
C GLU B 150 -13.54 -12.64 -24.18
N TRP B 151 -12.47 -13.15 -23.54
CA TRP B 151 -12.54 -14.48 -22.91
C TRP B 151 -13.51 -14.44 -21.72
N GLU B 152 -13.49 -13.37 -20.92
CA GLU B 152 -14.47 -13.23 -19.81
C GLU B 152 -15.91 -13.31 -20.31
N LYS B 153 -16.22 -12.60 -21.40
CA LYS B 153 -17.58 -12.63 -21.96
C LYS B 153 -17.97 -14.02 -22.45
N LYS B 154 -17.04 -14.71 -23.16
CA LYS B 154 -17.35 -16.06 -23.66
C LYS B 154 -17.49 -17.08 -22.54
N ILE B 155 -16.66 -16.98 -21.49
CA ILE B 155 -16.77 -17.93 -20.36
C ILE B 155 -18.09 -17.68 -19.62
N SER B 156 -18.42 -16.39 -19.40
CA SER B 156 -19.68 -16.03 -18.74
C SER B 156 -20.89 -16.54 -19.53
N GLU B 157 -20.84 -16.40 -20.87
CA GLU B 157 -21.95 -16.87 -21.71
C GLU B 157 -22.12 -18.39 -21.61
N ALA B 158 -20.99 -19.12 -21.61
CA ALA B 158 -21.03 -20.57 -21.51
C ALA B 158 -21.62 -21.00 -20.16
N ILE B 159 -21.26 -20.31 -19.05
CA ILE B 159 -21.84 -20.65 -17.74
C ILE B 159 -23.36 -20.41 -17.74
N GLN B 160 -23.78 -19.22 -18.20
CA GLN B 160 -25.21 -18.88 -18.19
C GLN B 160 -26.07 -19.74 -19.07
N MET B 161 -25.54 -20.19 -20.21
CA MET B 161 -26.29 -21.01 -21.17
C MET B 161 -26.77 -22.35 -20.59
N ARG B 162 -26.07 -22.86 -19.56
CA ARG B 162 -26.45 -24.15 -18.98
C ARG B 162 -27.50 -24.06 -17.88
N THR B 163 -27.81 -22.84 -17.40
CA THR B 163 -28.76 -22.59 -16.31
C THR B 163 -30.19 -22.31 -16.84
N GLY C 1 -14.00 24.26 -2.47
CA GLY C 1 -13.58 23.68 -1.19
C GLY C 1 -14.38 24.18 -0.02
N ALA C 2 -14.35 23.44 1.11
CA ALA C 2 -15.02 23.93 2.32
C ALA C 2 -14.22 25.14 2.84
N MET C 3 -14.90 26.12 3.49
CA MET C 3 -14.20 27.30 3.98
C MET C 3 -13.15 26.99 5.07
N ALA C 4 -13.42 25.98 5.90
CA ALA C 4 -12.52 25.57 6.98
C ALA C 4 -12.56 24.05 6.99
N PRO C 5 -11.83 23.41 6.06
CA PRO C 5 -11.94 21.94 5.91
C PRO C 5 -11.79 21.18 7.24
N SER C 6 -12.73 20.26 7.51
CA SER C 6 -12.74 19.52 8.77
C SER C 6 -12.92 18.03 8.58
N TYR C 7 -12.70 17.28 9.68
CA TYR C 7 -13.03 15.86 9.81
C TYR C 7 -14.11 15.76 10.90
N ARG C 8 -15.11 14.93 10.66
CA ARG C 8 -16.14 14.61 11.66
C ARG C 8 -16.43 13.12 11.60
N VAL C 9 -17.02 12.55 12.66
CA VAL C 9 -17.43 11.15 12.64
C VAL C 9 -18.89 11.04 13.05
N LYS C 10 -19.65 10.16 12.36
CA LYS C 10 -21.05 9.93 12.69
C LYS C 10 -21.30 8.42 12.81
N ARG C 11 -22.10 8.03 13.80
CA ARG C 11 -22.48 6.64 13.99
C ARG C 11 -23.90 6.49 13.40
N MET C 12 -23.97 6.16 12.11
CA MET C 12 -25.23 6.04 11.39
C MET C 12 -25.00 5.41 10.03
N ASP C 13 -26.10 5.03 9.35
CA ASP C 13 -26.07 4.39 8.05
C ASP C 13 -25.52 5.37 7.00
N ILE C 14 -24.40 5.02 6.36
CA ILE C 14 -23.80 5.87 5.32
C ILE C 14 -24.73 6.08 4.11
N ALA C 15 -25.70 5.15 3.92
CA ALA C 15 -26.67 5.34 2.84
C ALA C 15 -27.61 6.54 3.10
N LYS C 16 -27.60 7.09 4.32
N LYS C 16 -27.64 7.09 4.32
CA LYS C 16 -28.41 8.23 4.69
CA LYS C 16 -28.46 8.27 4.58
C LYS C 16 -27.53 9.46 4.98
C LYS C 16 -27.56 9.49 4.92
N ASN C 17 -26.34 9.53 4.36
CA ASN C 17 -25.42 10.63 4.62
C ASN C 17 -25.96 12.00 4.19
N ASP C 18 -25.36 13.07 4.70
CA ASP C 18 -25.73 14.46 4.40
C ASP C 18 -24.60 15.17 3.64
N GLU C 19 -23.80 14.41 2.86
CA GLU C 19 -22.69 14.96 2.12
C GLU C 19 -22.92 14.97 0.59
N GLU C 20 -22.00 15.62 -0.15
CA GLU C 20 -22.19 15.77 -1.61
C GLU C 20 -21.84 14.55 -2.44
N CYS C 21 -21.17 13.58 -1.83
CA CYS C 21 -20.85 12.33 -2.48
C CYS C 21 -20.55 11.27 -1.42
N VAL C 22 -20.53 9.99 -1.87
CA VAL C 22 -20.26 8.90 -0.94
C VAL C 22 -19.16 7.99 -1.46
N VAL C 23 -18.40 7.39 -0.54
CA VAL C 23 -17.42 6.35 -0.88
C VAL C 23 -18.03 5.01 -0.50
N ASN C 24 -18.12 4.10 -1.49
CA ASN C 24 -18.60 2.74 -1.24
C ASN C 24 -17.36 1.85 -0.93
N ALA C 25 -17.44 0.99 0.07
CA ALA C 25 -16.39 0.01 0.38
C ALA C 25 -16.73 -1.17 -0.54
N ALA C 26 -16.25 -1.05 -1.77
CA ALA C 26 -16.62 -1.91 -2.90
C ALA C 26 -15.78 -3.19 -3.03
N ASN C 27 -16.25 -4.14 -3.89
CA ASN C 27 -15.49 -5.36 -4.18
C ASN C 27 -15.00 -5.21 -5.66
N PRO C 28 -13.92 -5.90 -6.05
CA PRO C 28 -13.42 -5.72 -7.42
C PRO C 28 -14.39 -6.04 -8.55
N ARG C 29 -15.39 -6.91 -8.32
CA ARG C 29 -16.34 -7.29 -9.38
C ARG C 29 -17.49 -6.28 -9.59
N GLY C 30 -17.69 -5.38 -8.61
CA GLY C 30 -18.78 -4.41 -8.72
C GLY C 30 -20.15 -4.99 -8.40
N LEU C 31 -20.16 -5.99 -7.53
CA LEU C 31 -21.38 -6.67 -7.10
C LEU C 31 -21.99 -6.00 -5.87
N PRO C 32 -23.29 -6.27 -5.59
CA PRO C 32 -23.91 -5.75 -4.36
C PRO C 32 -23.15 -6.20 -3.10
N GLY C 33 -23.01 -5.32 -2.11
CA GLY C 33 -22.27 -5.65 -0.90
C GLY C 33 -22.94 -6.69 -0.01
N ASP C 34 -22.17 -7.34 0.87
CA ASP C 34 -22.73 -8.28 1.83
C ASP C 34 -23.00 -7.55 3.17
N GLY C 35 -23.82 -8.18 4.02
CA GLY C 35 -24.16 -7.65 5.34
C GLY C 35 -24.57 -6.19 5.36
N VAL C 36 -23.84 -5.35 6.13
CA VAL C 36 -24.15 -3.92 6.25
C VAL C 36 -23.80 -3.13 4.97
N CYS C 37 -22.85 -3.63 4.17
CA CYS C 37 -22.43 -2.95 2.95
C CYS C 37 -23.54 -2.91 1.89
N LYS C 38 -24.49 -3.88 1.90
CA LYS C 38 -25.59 -3.94 0.92
C LYS C 38 -26.42 -2.64 0.85
N ALA C 39 -26.33 -1.80 1.88
CA ALA C 39 -27.04 -0.53 1.98
C ALA C 39 -26.75 0.44 0.79
N VAL C 40 -25.48 0.49 0.26
CA VAL C 40 -25.11 1.38 -0.89
C VAL C 40 -25.83 0.89 -2.14
N TYR C 41 -25.86 -0.44 -2.35
CA TYR C 41 -26.55 -0.99 -3.52
C TYR C 41 -28.04 -0.73 -3.44
N LYS C 42 -28.64 -0.83 -2.25
CA LYS C 42 -30.09 -0.57 -2.14
C LYS C 42 -30.43 0.88 -2.36
N LYS C 43 -29.53 1.81 -1.93
CA LYS C 43 -29.81 3.23 -2.07
C LYS C 43 -29.48 3.80 -3.48
N TRP C 44 -28.34 3.37 -4.06
CA TRP C 44 -27.87 3.88 -5.35
C TRP C 44 -27.55 2.75 -6.33
N PRO C 45 -28.56 1.92 -6.66
CA PRO C 45 -28.27 0.77 -7.53
C PRO C 45 -27.69 1.14 -8.91
N GLU C 46 -28.13 2.26 -9.46
CA GLU C 46 -27.68 2.72 -10.77
C GLU C 46 -26.19 2.97 -10.83
N SER C 47 -25.58 3.33 -9.68
CA SER C 47 -24.14 3.57 -9.64
C SER C 47 -23.31 2.28 -9.79
N PHE C 48 -23.95 1.11 -9.83
CA PHE C 48 -23.24 -0.16 -9.98
C PHE C 48 -23.09 -0.62 -11.46
N LYS C 49 -23.51 0.23 -12.42
CA LYS C 49 -23.33 -0.08 -13.85
C LYS C 49 -21.84 0.13 -14.16
N ASN C 50 -21.13 -0.94 -14.55
CA ASN C 50 -19.71 -0.87 -14.90
C ASN C 50 -18.85 -0.28 -13.76
N SER C 51 -19.16 -0.67 -12.52
CA SER C 51 -18.39 -0.14 -11.37
C SER C 51 -17.21 -1.02 -10.99
N ALA C 52 -17.02 -2.19 -11.64
CA ALA C 52 -15.88 -3.06 -11.31
C ALA C 52 -14.56 -2.30 -11.48
N THR C 53 -13.66 -2.43 -10.52
CA THR C 53 -12.36 -1.75 -10.53
C THR C 53 -11.40 -2.59 -9.63
N PRO C 54 -10.09 -2.63 -9.95
CA PRO C 54 -9.20 -3.54 -9.19
C PRO C 54 -8.91 -3.12 -7.76
N VAL C 55 -8.34 -4.05 -6.98
CA VAL C 55 -7.91 -3.74 -5.60
C VAL C 55 -6.90 -2.59 -5.62
N GLY C 56 -7.04 -1.66 -4.67
CA GLY C 56 -6.14 -0.52 -4.54
C GLY C 56 -6.55 0.67 -5.40
N THR C 57 -7.72 0.61 -6.07
CA THR C 57 -8.19 1.69 -6.94
C THR C 57 -9.58 2.19 -6.51
N ALA C 58 -10.03 3.30 -7.14
CA ALA C 58 -11.36 3.84 -6.92
C ALA C 58 -11.94 4.21 -8.28
N LYS C 59 -13.24 3.97 -8.47
CA LYS C 59 -13.92 4.29 -9.74
C LYS C 59 -15.25 4.96 -9.38
N THR C 60 -15.51 6.16 -9.94
CA THR C 60 -16.76 6.87 -9.61
C THR C 60 -17.82 6.63 -10.65
N VAL C 61 -19.03 6.31 -10.19
CA VAL C 61 -20.17 6.15 -11.09
C VAL C 61 -21.30 7.01 -10.52
N MET C 62 -21.97 7.78 -11.39
N MET C 62 -21.96 7.80 -11.38
CA MET C 62 -23.06 8.66 -10.98
CA MET C 62 -23.04 8.65 -10.91
C MET C 62 -24.39 7.92 -10.83
C MET C 62 -24.33 7.85 -10.74
N CYS C 63 -25.16 8.27 -9.79
CA CYS C 63 -26.53 7.79 -9.61
C CYS C 63 -27.32 9.10 -9.78
N GLY C 64 -27.89 9.36 -10.98
CA GLY C 64 -28.47 10.68 -11.24
C GLY C 64 -27.31 11.64 -11.40
N THR C 65 -27.19 12.63 -10.53
CA THR C 65 -26.02 13.50 -10.50
C THR C 65 -25.19 13.25 -9.19
N TYR C 66 -25.59 12.25 -8.36
CA TYR C 66 -24.93 12.04 -7.08
C TYR C 66 -23.77 11.05 -7.30
N PRO C 67 -22.52 11.47 -6.97
CA PRO C 67 -21.39 10.57 -7.25
C PRO C 67 -21.21 9.50 -6.19
N VAL C 68 -21.01 8.24 -6.65
CA VAL C 68 -20.66 7.15 -5.74
C VAL C 68 -19.25 6.74 -6.14
N ILE C 69 -18.29 6.88 -5.21
CA ILE C 69 -16.89 6.54 -5.48
C ILE C 69 -16.65 5.14 -4.95
N HIS C 70 -16.53 4.14 -5.86
CA HIS C 70 -16.36 2.76 -5.43
C HIS C 70 -14.86 2.54 -5.15
N ALA C 71 -14.50 2.34 -3.89
CA ALA C 71 -13.08 2.21 -3.48
C ALA C 71 -12.83 0.80 -3.01
N VAL C 72 -11.86 0.12 -3.65
CA VAL C 72 -11.63 -1.29 -3.34
C VAL C 72 -10.42 -1.50 -2.46
N GLY C 73 -10.64 -1.70 -1.17
CA GLY C 73 -9.53 -2.02 -0.28
C GLY C 73 -9.23 -3.50 -0.43
N PRO C 74 -8.04 -3.90 0.04
CA PRO C 74 -7.68 -5.33 0.00
C PRO C 74 -8.47 -6.15 1.02
N ASN C 75 -8.64 -7.43 0.73
CA ASN C 75 -9.24 -8.35 1.68
C ASN C 75 -8.06 -9.01 2.38
N PHE C 76 -7.88 -8.71 3.68
CA PHE C 76 -6.74 -9.25 4.43
C PHE C 76 -6.84 -10.75 4.73
N SER C 77 -7.94 -11.42 4.32
CA SER C 77 -7.98 -12.90 4.45
C SER C 77 -6.98 -13.57 3.51
N ASN C 78 -6.75 -12.93 2.39
CA ASN C 78 -6.00 -13.37 1.24
C ASN C 78 -4.62 -12.69 1.17
N TYR C 79 -4.61 -11.39 1.47
CA TYR C 79 -3.41 -10.55 1.39
C TYR C 79 -2.55 -10.67 2.65
N THR C 80 -1.22 -10.58 2.48
CA THR C 80 -0.36 -10.55 3.67
C THR C 80 -0.49 -9.16 4.30
N GLU C 81 0.01 -9.00 5.56
CA GLU C 81 -0.02 -7.67 6.19
C GLU C 81 0.79 -6.66 5.36
N SER C 82 1.95 -7.10 4.86
CA SER C 82 2.79 -6.19 4.07
C SER C 82 2.12 -5.73 2.77
N GLU C 83 1.65 -6.72 1.97
CA GLU C 83 1.06 -6.34 0.66
C GLU C 83 -0.25 -5.56 0.85
N GLY C 84 -1.05 -6.03 1.80
CA GLY C 84 -2.34 -5.39 2.05
C GLY C 84 -2.18 -3.97 2.53
N ASP C 85 -1.16 -3.69 3.37
CA ASP C 85 -0.94 -2.32 3.86
C ASP C 85 -0.71 -1.37 2.69
N ARG C 86 0.07 -1.81 1.72
CA ARG C 86 0.33 -0.98 0.53
C ARG C 86 -0.95 -0.74 -0.30
N GLU C 87 -1.78 -1.78 -0.49
CA GLU C 87 -2.99 -1.62 -1.30
C GLU C 87 -4.04 -0.75 -0.57
N LEU C 88 -4.08 -0.84 0.78
CA LEU C 88 -5.08 -0.05 1.55
C LEU C 88 -4.69 1.43 1.43
N ALA C 89 -3.39 1.74 1.55
CA ALA C 89 -2.94 3.14 1.37
C ALA C 89 -3.29 3.64 -0.05
N ALA C 90 -3.09 2.78 -1.06
CA ALA C 90 -3.34 3.16 -2.45
C ALA C 90 -4.82 3.43 -2.72
N ALA C 91 -5.73 2.62 -2.12
CA ALA C 91 -7.18 2.83 -2.35
C ALA C 91 -7.56 4.20 -1.80
N TYR C 92 -7.04 4.58 -0.61
CA TYR C 92 -7.36 5.92 -0.07
C TYR C 92 -6.78 7.04 -0.93
N ARG C 93 -5.57 6.85 -1.49
N ARG C 93 -5.57 6.85 -1.49
CA ARG C 93 -4.99 7.87 -2.37
CA ARG C 93 -4.99 7.87 -2.37
C ARG C 93 -5.88 8.07 -3.62
C ARG C 93 -5.89 8.07 -3.60
N GLU C 94 -6.49 6.97 -4.12
CA GLU C 94 -7.37 7.10 -5.29
C GLU C 94 -8.68 7.78 -4.88
N VAL C 95 -9.16 7.58 -3.62
CA VAL C 95 -10.37 8.31 -3.17
C VAL C 95 -10.06 9.82 -3.15
N ALA C 96 -8.86 10.22 -2.66
CA ALA C 96 -8.52 11.66 -2.61
C ALA C 96 -8.51 12.25 -3.99
N LYS C 97 -7.97 11.51 -4.98
CA LYS C 97 -7.94 11.99 -6.36
C LYS C 97 -9.37 12.15 -6.90
N GLU C 98 -10.26 11.16 -6.61
CA GLU C 98 -11.62 11.26 -7.14
C GLU C 98 -12.42 12.41 -6.49
N VAL C 99 -12.27 12.57 -5.15
CA VAL C 99 -12.95 13.70 -4.46
C VAL C 99 -12.48 15.02 -5.05
N THR C 100 -11.15 15.11 -5.34
CA THR C 100 -10.62 16.37 -5.89
C THR C 100 -11.17 16.61 -7.31
N ARG C 101 -11.14 15.56 -8.14
CA ARG C 101 -11.63 15.66 -9.53
C ARG C 101 -13.10 16.11 -9.59
N LEU C 102 -13.92 15.60 -8.64
CA LEU C 102 -15.35 15.95 -8.61
C LEU C 102 -15.64 17.39 -8.18
N GLY C 103 -14.69 18.04 -7.49
CA GLY C 103 -14.89 19.41 -7.03
C GLY C 103 -15.89 19.54 -5.89
N VAL C 104 -16.26 18.44 -5.23
CA VAL C 104 -17.21 18.46 -4.13
C VAL C 104 -16.66 19.18 -2.90
N ASN C 105 -17.58 19.72 -2.06
CA ASN C 105 -17.19 20.35 -0.83
C ASN C 105 -17.27 19.42 0.40
N SER C 106 -17.85 18.22 0.23
CA SER C 106 -17.93 17.26 1.33
C SER C 106 -18.03 15.85 0.78
N VAL C 107 -17.62 14.86 1.60
CA VAL C 107 -17.62 13.45 1.21
C VAL C 107 -17.91 12.60 2.44
N ALA C 108 -18.75 11.55 2.30
CA ALA C 108 -19.06 10.57 3.34
C ALA C 108 -18.17 9.35 3.06
N ILE C 109 -17.36 8.92 4.06
N ILE C 109 -17.48 8.86 4.10
CA ILE C 109 -16.41 7.81 3.84
CA ILE C 109 -16.55 7.75 3.85
C ILE C 109 -16.50 6.78 4.94
C ILE C 109 -16.55 6.76 4.96
N PRO C 110 -16.47 5.47 4.60
CA PRO C 110 -16.37 4.44 5.64
C PRO C 110 -14.86 4.06 5.84
N LEU C 111 -14.51 3.33 6.91
CA LEU C 111 -13.12 2.87 7.06
C LEU C 111 -12.94 1.59 6.22
N LEU C 112 -12.16 1.72 5.14
CA LEU C 112 -11.95 0.61 4.23
C LEU C 112 -11.20 -0.54 4.92
N SER C 113 -11.54 -1.77 4.50
CA SER C 113 -10.89 -3.01 4.96
C SER C 113 -11.09 -3.29 6.45
N THR C 114 -12.14 -2.70 7.09
CA THR C 114 -12.37 -2.96 8.52
C THR C 114 -13.54 -3.90 8.84
N GLY C 115 -14.29 -4.30 7.82
CA GLY C 115 -15.41 -5.23 8.02
C GLY C 115 -15.07 -6.64 7.58
N VAL C 116 -15.83 -7.21 6.61
CA VAL C 116 -15.54 -8.57 6.14
C VAL C 116 -14.17 -8.69 5.43
N TYR C 117 -13.54 -7.57 5.04
CA TYR C 117 -12.18 -7.62 4.44
C TYR C 117 -11.09 -7.45 5.52
N SER C 118 -11.45 -7.41 6.83
CA SER C 118 -10.42 -7.21 7.86
C SER C 118 -9.56 -8.41 8.18
N GLY C 119 -9.92 -9.58 7.68
CA GLY C 119 -9.20 -10.81 8.03
C GLY C 119 -9.28 -11.16 9.51
N GLY C 120 -10.35 -10.71 10.16
CA GLY C 120 -10.60 -10.95 11.58
C GLY C 120 -9.76 -10.12 12.54
N LYS C 121 -9.13 -9.04 12.04
CA LYS C 121 -8.30 -8.19 12.89
C LYS C 121 -8.95 -6.81 13.07
N ASP C 122 -8.66 -6.13 14.18
CA ASP C 122 -9.17 -4.78 14.43
C ASP C 122 -8.24 -3.86 13.65
N ARG C 123 -8.77 -3.19 12.60
CA ARG C 123 -7.96 -2.30 11.75
C ARG C 123 -8.37 -0.83 11.82
N LEU C 124 -9.05 -0.40 12.91
CA LEU C 124 -9.47 1.00 13.03
C LEU C 124 -8.28 1.98 12.86
N THR C 125 -7.24 1.81 13.68
CA THR C 125 -6.11 2.76 13.62
C THR C 125 -5.39 2.71 12.28
N GLN C 126 -5.18 1.49 11.75
CA GLN C 126 -4.49 1.37 10.46
C GLN C 126 -5.27 2.07 9.33
N SER C 127 -6.57 1.75 9.24
CA SER C 127 -7.37 2.30 8.16
C SER C 127 -7.51 3.82 8.31
N LEU C 128 -7.77 4.29 9.54
CA LEU C 128 -7.94 5.74 9.76
C LEU C 128 -6.64 6.49 9.47
N ASN C 129 -5.46 5.88 9.81
CA ASN C 129 -4.18 6.51 9.49
C ASN C 129 -4.02 6.68 7.98
N HIS C 130 -4.38 5.64 7.19
CA HIS C 130 -4.25 5.75 5.73
C HIS C 130 -5.26 6.78 5.17
N LEU C 131 -6.44 6.88 5.82
CA LEU C 131 -7.46 7.85 5.38
C LEU C 131 -6.91 9.26 5.59
N PHE C 132 -6.34 9.54 6.76
CA PHE C 132 -5.77 10.88 7.02
C PHE C 132 -4.59 11.16 6.06
N THR C 133 -3.71 10.16 5.81
CA THR C 133 -2.55 10.41 4.93
C THR C 133 -2.99 10.88 3.54
N ALA C 134 -4.11 10.29 3.05
CA ALA C 134 -4.60 10.65 1.72
C ALA C 134 -5.44 11.93 1.73
N MET C 135 -6.34 12.07 2.74
CA MET C 135 -7.31 13.16 2.70
C MET C 135 -6.81 14.47 3.30
N ASP C 136 -5.71 14.46 4.10
CA ASP C 136 -5.26 15.71 4.72
C ASP C 136 -5.01 16.85 3.73
N SER C 137 -4.50 16.50 2.51
CA SER C 137 -4.20 17.56 1.53
C SER C 137 -5.40 17.98 0.70
N THR C 138 -6.59 17.37 0.94
CA THR C 138 -7.81 17.81 0.22
C THR C 138 -8.52 18.88 1.04
N ASP C 139 -9.39 19.68 0.40
CA ASP C 139 -10.11 20.73 1.10
C ASP C 139 -11.61 20.40 1.29
N ALA C 140 -12.02 19.14 1.05
CA ALA C 140 -13.39 18.77 1.30
C ALA C 140 -13.63 18.50 2.77
N ASP C 141 -14.86 18.78 3.31
CA ASP C 141 -15.21 18.34 4.63
C ASP C 141 -15.36 16.81 4.55
N VAL C 142 -14.72 16.06 5.44
CA VAL C 142 -14.78 14.61 5.42
C VAL C 142 -15.61 14.15 6.60
N VAL C 143 -16.62 13.32 6.36
CA VAL C 143 -17.46 12.78 7.42
C VAL C 143 -17.34 11.27 7.39
N ILE C 144 -16.72 10.71 8.44
CA ILE C 144 -16.48 9.27 8.53
C ILE C 144 -17.67 8.59 9.17
N TYR C 145 -18.18 7.50 8.56
CA TYR C 145 -19.36 6.82 9.09
C TYR C 145 -18.95 5.49 9.71
N CYS C 146 -19.51 5.16 10.88
CA CYS C 146 -19.23 3.90 11.55
C CYS C 146 -20.57 3.38 12.16
N ARG C 147 -20.55 2.12 12.68
CA ARG C 147 -21.72 1.45 13.26
C ARG C 147 -21.60 1.27 14.77
N ASP C 148 -20.38 1.09 15.25
CA ASP C 148 -20.10 0.73 16.64
C ASP C 148 -19.83 1.91 17.55
N LYS C 149 -20.43 1.91 18.77
CA LYS C 149 -20.26 3.01 19.71
C LYS C 149 -18.77 3.20 20.17
N GLU C 150 -18.05 2.09 20.39
CA GLU C 150 -16.65 2.19 20.81
C GLU C 150 -15.79 2.70 19.64
N TRP C 151 -16.12 2.32 18.40
CA TRP C 151 -15.36 2.82 17.24
C TRP C 151 -15.61 4.32 17.07
N GLU C 152 -16.86 4.77 17.29
CA GLU C 152 -17.16 6.20 17.19
C GLU C 152 -16.30 7.03 18.18
N LYS C 153 -16.16 6.55 19.42
CA LYS C 153 -15.38 7.24 20.42
C LYS C 153 -13.87 7.28 20.05
N LYS C 154 -13.34 6.16 19.59
CA LYS C 154 -11.92 6.10 19.18
C LYS C 154 -11.62 6.97 17.97
N ILE C 155 -12.52 6.97 16.97
CA ILE C 155 -12.30 7.81 15.77
C ILE C 155 -12.40 9.28 16.17
N SER C 156 -13.39 9.63 17.02
CA SER C 156 -13.54 11.01 17.47
C SER C 156 -12.29 11.48 18.23
N GLU C 157 -11.73 10.61 19.11
CA GLU C 157 -10.53 10.97 19.87
C GLU C 157 -9.36 11.24 18.93
N ALA C 158 -9.20 10.40 17.89
CA ALA C 158 -8.11 10.55 16.94
C ALA C 158 -8.24 11.87 16.18
N ILE C 159 -9.47 12.25 15.78
CA ILE C 159 -9.68 13.52 15.07
C ILE C 159 -9.33 14.71 16.00
N GLN C 160 -9.87 14.69 17.23
CA GLN C 160 -9.66 15.81 18.15
C GLN C 160 -8.22 15.99 18.57
N MET C 161 -7.46 14.90 18.67
CA MET C 161 -6.06 14.96 19.10
C MET C 161 -5.17 15.81 18.19
N ARG C 162 -5.53 15.91 16.90
CA ARG C 162 -4.73 16.66 15.93
C ARG C 162 -5.09 18.14 15.83
N THR C 163 -6.19 18.57 16.48
CA THR C 163 -6.65 19.96 16.43
C THR C 163 -6.02 20.83 17.53
N PRO D 5 8.54 45.79 -8.01
CA PRO D 5 9.09 44.95 -6.91
C PRO D 5 10.51 44.45 -7.23
N SER D 6 11.21 44.01 -6.20
N SER D 6 11.27 44.04 -6.20
CA SER D 6 12.55 43.45 -6.39
CA SER D 6 12.65 43.52 -6.37
C SER D 6 12.52 41.98 -6.01
C SER D 6 12.74 42.09 -5.84
N TYR D 7 13.47 41.20 -6.52
CA TYR D 7 13.53 39.79 -6.17
C TYR D 7 14.91 39.35 -5.78
N ARG D 8 14.98 38.58 -4.72
CA ARG D 8 16.23 37.98 -4.24
C ARG D 8 15.96 36.53 -3.85
N VAL D 9 17.00 35.69 -3.79
CA VAL D 9 16.82 34.32 -3.34
C VAL D 9 17.83 34.03 -2.22
N LYS D 10 17.39 33.27 -1.20
CA LYS D 10 18.26 32.88 -0.10
C LYS D 10 18.11 31.39 0.14
N ARG D 11 19.25 30.70 0.39
CA ARG D 11 19.23 29.28 0.70
C ARG D 11 19.36 29.13 2.22
N MET D 12 18.20 29.09 2.90
CA MET D 12 18.14 29.01 4.36
C MET D 12 16.72 28.75 4.81
N ASP D 13 16.57 28.43 6.11
CA ASP D 13 15.26 28.13 6.68
C ASP D 13 14.40 29.41 6.71
N ILE D 14 13.24 29.37 6.02
CA ILE D 14 12.32 30.51 5.97
C ILE D 14 11.82 30.93 7.36
N ALA D 15 11.90 30.02 8.34
CA ALA D 15 11.50 30.37 9.71
C ALA D 15 12.48 31.39 10.34
N LYS D 16 13.68 31.58 9.73
CA LYS D 16 14.68 32.56 10.21
C LYS D 16 14.78 33.74 9.22
N ASN D 17 13.70 34.04 8.46
CA ASN D 17 13.75 35.13 7.48
C ASN D 17 14.01 36.50 8.09
N ASP D 18 14.48 37.44 7.26
CA ASP D 18 14.76 38.83 7.69
C ASP D 18 13.75 39.79 7.01
N GLU D 19 12.50 39.33 6.74
CA GLU D 19 11.49 40.14 6.11
C GLU D 19 10.32 40.50 7.04
N GLU D 20 9.45 41.42 6.59
CA GLU D 20 8.36 41.91 7.45
C GLU D 20 7.19 40.95 7.66
N CYS D 21 7.10 39.93 6.79
CA CYS D 21 6.06 38.93 6.90
C CYS D 21 6.53 37.66 6.15
N VAL D 22 5.81 36.55 6.41
CA VAL D 22 6.19 35.27 5.80
C VAL D 22 4.98 34.64 5.16
N VAL D 23 5.22 33.90 4.08
CA VAL D 23 4.19 33.08 3.43
C VAL D 23 4.48 31.62 3.84
N ASN D 24 3.47 30.97 4.44
CA ASN D 24 3.59 29.57 4.79
C ASN D 24 3.07 28.72 3.60
N ALA D 25 3.77 27.60 3.28
CA ALA D 25 3.27 26.66 2.27
C ALA D 25 2.35 25.71 3.06
N ALA D 26 1.11 26.16 3.24
CA ALA D 26 0.17 25.55 4.15
C ALA D 26 -0.63 24.36 3.57
N ASN D 27 -1.25 23.57 4.47
CA ASN D 27 -2.21 22.56 4.01
C ASN D 27 -3.62 23.15 4.27
N PRO D 28 -4.65 22.63 3.60
CA PRO D 28 -5.98 23.26 3.74
C PRO D 28 -6.58 23.17 5.13
N ARG D 29 -6.10 22.23 5.95
CA ARG D 29 -6.74 22.00 7.26
C ARG D 29 -6.08 22.74 8.43
N GLY D 30 -5.04 23.51 8.14
CA GLY D 30 -4.34 24.23 9.21
C GLY D 30 -3.59 23.30 10.14
N LEU D 31 -3.16 22.12 9.61
CA LEU D 31 -2.40 21.17 10.45
C LEU D 31 -0.90 21.56 10.45
N PRO D 32 -0.11 21.09 11.43
CA PRO D 32 1.34 21.41 11.44
C PRO D 32 2.10 20.95 10.20
N GLY D 33 1.68 19.82 9.60
CA GLY D 33 2.30 19.35 8.37
C GLY D 33 3.74 18.91 8.47
N ASP D 34 4.47 19.10 7.37
CA ASP D 34 5.89 18.75 7.25
C ASP D 34 6.63 19.83 6.40
N GLY D 35 7.96 19.71 6.30
CA GLY D 35 8.74 20.67 5.51
C GLY D 35 8.61 22.10 6.02
N VAL D 36 8.40 23.06 5.09
CA VAL D 36 8.21 24.49 5.43
C VAL D 36 7.10 24.66 6.46
N CYS D 37 5.97 23.99 6.25
CA CYS D 37 4.81 24.13 7.14
C CYS D 37 5.13 23.78 8.60
N LYS D 38 5.91 22.71 8.80
CA LYS D 38 6.30 22.31 10.16
C LYS D 38 7.26 23.32 10.81
N ALA D 39 8.18 23.87 10.00
CA ALA D 39 9.14 24.87 10.50
C ALA D 39 8.35 26.15 10.93
N VAL D 40 7.34 26.51 10.14
CA VAL D 40 6.50 27.67 10.41
C VAL D 40 5.67 27.41 11.67
N TYR D 41 5.17 26.16 11.86
CA TYR D 41 4.41 25.81 13.06
C TYR D 41 5.29 25.92 14.31
N LYS D 42 6.55 25.48 14.23
CA LYS D 42 7.42 25.58 15.40
C LYS D 42 7.76 27.03 15.75
N LYS D 43 7.93 27.88 14.73
CA LYS D 43 8.35 29.28 14.97
C LYS D 43 7.18 30.20 15.35
N TRP D 44 6.02 30.02 14.68
CA TRP D 44 4.86 30.91 14.89
C TRP D 44 3.58 30.05 15.13
N PRO D 45 3.55 29.23 16.19
CA PRO D 45 2.38 28.33 16.39
C PRO D 45 1.06 29.08 16.55
N GLU D 46 1.11 30.29 17.17
CA GLU D 46 -0.11 31.07 17.38
C GLU D 46 -0.80 31.45 16.06
N SER D 47 -0.02 31.49 14.95
CA SER D 47 -0.60 31.83 13.67
C SER D 47 -1.45 30.70 13.08
N PHE D 48 -1.53 29.53 13.74
CA PHE D 48 -2.36 28.44 13.19
C PHE D 48 -3.79 28.43 13.81
N LYS D 49 -4.15 29.48 14.56
CA LYS D 49 -5.51 29.58 15.10
C LYS D 49 -6.43 29.93 13.94
N ASN D 50 -7.32 28.99 13.57
CA ASN D 50 -8.27 29.22 12.47
C ASN D 50 -7.57 29.58 11.17
N SER D 51 -6.45 28.89 10.88
CA SER D 51 -5.73 29.14 9.62
C SER D 51 -6.24 28.25 8.47
N ALA D 52 -7.12 27.27 8.72
CA ALA D 52 -7.65 26.40 7.65
C ALA D 52 -8.29 27.25 6.56
N THR D 53 -8.03 26.92 5.29
CA THR D 53 -8.56 27.70 4.18
C THR D 53 -8.48 26.79 2.94
N PRO D 54 -9.32 27.03 1.91
CA PRO D 54 -9.33 26.10 0.78
C PRO D 54 -8.10 26.17 -0.11
N VAL D 55 -7.94 25.14 -0.97
CA VAL D 55 -6.87 25.16 -1.98
C VAL D 55 -7.05 26.39 -2.88
N GLY D 56 -5.93 27.02 -3.26
CA GLY D 56 -5.97 28.19 -4.14
C GLY D 56 -6.23 29.50 -3.42
N THR D 57 -6.25 29.48 -2.08
CA THR D 57 -6.49 30.70 -1.29
C THR D 57 -5.35 30.99 -0.32
N ALA D 58 -5.38 32.21 0.25
CA ALA D 58 -4.42 32.59 1.29
C ALA D 58 -5.20 33.20 2.45
N LYS D 59 -4.75 32.90 3.68
CA LYS D 59 -5.41 33.43 4.87
C LYS D 59 -4.32 33.90 5.83
N THR D 60 -4.36 35.19 6.22
CA THR D 60 -3.33 35.72 7.10
C THR D 60 -3.76 35.67 8.55
N VAL D 61 -2.87 35.18 9.42
CA VAL D 61 -3.11 35.15 10.88
C VAL D 61 -1.85 35.75 11.52
N MET D 62 -2.03 36.68 12.47
N MET D 62 -2.02 36.70 12.45
CA MET D 62 -0.90 37.32 13.16
CA MET D 62 -0.85 37.29 13.11
C MET D 62 -0.31 36.45 14.27
C MET D 62 -0.28 36.36 14.19
N CYS D 63 1.03 36.48 14.42
CA CYS D 63 1.72 35.86 15.56
C CYS D 63 2.32 37.10 16.25
N GLY D 64 1.66 37.63 17.29
CA GLY D 64 2.08 38.91 17.87
C GLY D 64 1.63 39.97 16.87
N THR D 65 2.61 40.74 16.30
CA THR D 65 2.28 41.66 15.20
C THR D 65 2.90 41.17 13.87
N TYR D 66 3.47 39.94 13.85
CA TYR D 66 4.14 39.43 12.67
C TYR D 66 3.13 38.65 11.81
N PRO D 67 2.89 39.06 10.55
CA PRO D 67 1.87 38.36 9.74
C PRO D 67 2.38 37.08 9.12
N VAL D 68 1.58 36.00 9.25
CA VAL D 68 1.89 34.74 8.58
C VAL D 68 0.75 34.53 7.56
N ILE D 69 1.13 34.52 6.27
CA ILE D 69 0.14 34.39 5.20
C ILE D 69 0.11 32.91 4.82
N HIS D 70 -0.93 32.18 5.25
CA HIS D 70 -1.00 30.74 4.94
C HIS D 70 -1.55 30.58 3.52
N ALA D 71 -0.69 30.11 2.57
CA ALA D 71 -1.10 29.98 1.17
C ALA D 71 -1.18 28.51 0.82
N VAL D 72 -2.37 28.08 0.34
CA VAL D 72 -2.56 26.66 0.06
C VAL D 72 -2.42 26.33 -1.43
N GLY D 73 -1.27 25.81 -1.82
CA GLY D 73 -1.10 25.34 -3.20
C GLY D 73 -1.75 23.98 -3.34
N PRO D 74 -2.05 23.60 -4.58
CA PRO D 74 -2.64 22.29 -4.81
C PRO D 74 -1.63 21.16 -4.63
N ASN D 75 -2.16 19.97 -4.25
CA ASN D 75 -1.31 18.79 -4.21
C ASN D 75 -1.48 18.12 -5.58
N PHE D 76 -0.41 18.09 -6.40
CA PHE D 76 -0.50 17.49 -7.73
C PHE D 76 -0.64 15.95 -7.72
N SER D 77 -0.57 15.30 -6.53
CA SER D 77 -0.95 13.87 -6.48
C SER D 77 -2.51 13.78 -6.62
N ASN D 78 -3.26 14.85 -6.23
CA ASN D 78 -4.73 14.79 -6.29
C ASN D 78 -5.31 15.50 -7.51
N TYR D 79 -4.69 16.61 -7.91
CA TYR D 79 -5.17 17.42 -9.04
C TYR D 79 -4.57 17.00 -10.36
N THR D 80 -5.30 17.21 -11.46
CA THR D 80 -4.70 17.02 -12.80
C THR D 80 -3.72 18.17 -13.06
N GLU D 81 -2.86 18.02 -14.09
CA GLU D 81 -1.94 19.13 -14.43
C GLU D 81 -2.74 20.41 -14.74
N SER D 82 -3.85 20.26 -15.51
CA SER D 82 -4.64 21.43 -15.89
C SER D 82 -5.27 22.13 -14.68
N GLU D 83 -5.99 21.36 -13.85
CA GLU D 83 -6.68 22.01 -12.71
C GLU D 83 -5.69 22.52 -11.68
N GLY D 84 -4.64 21.76 -11.44
CA GLY D 84 -3.60 22.17 -10.47
C GLY D 84 -2.89 23.43 -10.91
N ASP D 85 -2.62 23.58 -12.24
CA ASP D 85 -1.95 24.81 -12.71
C ASP D 85 -2.80 26.06 -12.37
N ARG D 86 -4.13 25.94 -12.52
CA ARG D 86 -5.04 27.06 -12.24
C ARG D 86 -5.04 27.37 -10.72
N GLU D 87 -5.05 26.33 -9.86
CA GLU D 87 -5.06 26.58 -8.41
C GLU D 87 -3.74 27.12 -7.92
N LEU D 88 -2.61 26.74 -8.57
CA LEU D 88 -1.30 27.24 -8.14
C LEU D 88 -1.21 28.73 -8.47
N ALA D 89 -1.68 29.12 -9.70
CA ALA D 89 -1.71 30.54 -10.04
C ALA D 89 -2.58 31.30 -9.03
N ALA D 90 -3.76 30.73 -8.67
CA ALA D 90 -4.69 31.41 -7.77
C ALA D 90 -4.09 31.61 -6.37
N ALA D 91 -3.38 30.60 -5.83
CA ALA D 91 -2.78 30.75 -4.49
C ALA D 91 -1.80 31.91 -4.48
N TYR D 92 -0.95 32.01 -5.55
CA TYR D 92 -0.01 33.13 -5.59
C TYR D 92 -0.73 34.49 -5.76
N ARG D 93 -1.81 34.55 -6.57
N ARG D 93 -1.81 34.55 -6.57
CA ARG D 93 -2.58 35.79 -6.74
CA ARG D 93 -2.58 35.79 -6.74
C ARG D 93 -3.15 36.25 -5.39
C ARG D 93 -3.13 36.25 -5.38
N GLU D 94 -3.60 35.30 -4.55
CA GLU D 94 -4.16 35.65 -3.23
C GLU D 94 -3.06 36.11 -2.27
N VAL D 95 -1.86 35.54 -2.39
CA VAL D 95 -0.71 36.01 -1.59
C VAL D 95 -0.40 37.48 -1.96
N ALA D 96 -0.36 37.81 -3.27
CA ALA D 96 -0.07 39.19 -3.68
C ALA D 96 -1.11 40.18 -3.14
N LYS D 97 -2.42 39.77 -3.15
CA LYS D 97 -3.44 40.65 -2.60
C LYS D 97 -3.20 40.91 -1.10
N GLU D 98 -2.86 39.84 -0.35
CA GLU D 98 -2.61 39.98 1.08
C GLU D 98 -1.37 40.85 1.38
N VAL D 99 -0.28 40.66 0.62
CA VAL D 99 0.93 41.48 0.80
C VAL D 99 0.58 42.96 0.56
N THR D 100 -0.21 43.23 -0.49
CA THR D 100 -0.62 44.63 -0.77
C THR D 100 -1.49 45.18 0.39
N ARG D 101 -2.47 44.39 0.83
CA ARG D 101 -3.38 44.83 1.90
C ARG D 101 -2.62 45.13 3.21
N LEU D 102 -1.62 44.31 3.52
CA LEU D 102 -0.84 44.48 4.76
C LEU D 102 0.09 45.71 4.73
N GLY D 103 0.41 46.20 3.52
CA GLY D 103 1.27 47.39 3.38
C GLY D 103 2.72 47.16 3.75
N VAL D 104 3.14 45.89 3.82
CA VAL D 104 4.53 45.54 4.16
C VAL D 104 5.49 45.99 3.06
N ASN D 105 6.74 46.21 3.45
CA ASN D 105 7.78 46.58 2.48
C ASN D 105 8.53 45.35 1.96
N SER D 106 8.40 44.18 2.64
CA SER D 106 9.11 42.96 2.20
C SER D 106 8.32 41.73 2.64
N VAL D 107 8.56 40.61 1.93
CA VAL D 107 7.88 39.35 2.21
C VAL D 107 8.82 38.19 1.90
N ALA D 108 8.83 37.17 2.79
CA ALA D 108 9.61 35.93 2.60
C ALA D 108 8.64 34.90 2.01
N ILE D 109 9.03 34.27 0.90
N ILE D 109 8.99 34.30 0.85
CA ILE D 109 8.11 33.32 0.26
CA ILE D 109 8.08 33.36 0.17
C ILE D 109 8.80 32.05 -0.20
C ILE D 109 8.79 32.06 -0.21
N PRO D 110 8.15 30.90 0.01
CA PRO D 110 8.70 29.63 -0.50
C PRO D 110 8.07 29.30 -1.88
N LEU D 111 8.61 28.29 -2.60
CA LEU D 111 7.98 27.91 -3.90
C LEU D 111 6.87 26.90 -3.61
N LEU D 112 5.62 27.35 -3.73
CA LEU D 112 4.47 26.52 -3.42
C LEU D 112 4.42 25.31 -4.36
N SER D 113 3.90 24.19 -3.85
CA SER D 113 3.66 22.95 -4.58
C SER D 113 4.95 22.30 -5.17
N THR D 114 6.13 22.62 -4.59
CA THR D 114 7.39 22.03 -5.07
C THR D 114 7.97 20.91 -4.23
N GLY D 115 7.41 20.68 -3.06
CA GLY D 115 7.86 19.64 -2.15
C GLY D 115 6.96 18.42 -2.21
N VAL D 116 6.36 18.03 -1.06
CA VAL D 116 5.48 16.85 -1.05
C VAL D 116 4.19 17.05 -1.86
N TYR D 117 3.84 18.30 -2.23
CA TYR D 117 2.66 18.53 -3.10
C TYR D 117 3.05 18.53 -4.60
N SER D 118 4.32 18.21 -4.94
CA SER D 118 4.72 18.23 -6.35
C SER D 118 4.27 17.05 -7.21
N GLY D 119 3.73 16.01 -6.57
CA GLY D 119 3.32 14.82 -7.30
C GLY D 119 4.51 14.11 -7.93
N GLY D 120 5.71 14.26 -7.32
CA GLY D 120 6.93 13.62 -7.82
C GLY D 120 7.58 14.26 -9.04
N LYS D 121 7.13 15.48 -9.41
CA LYS D 121 7.67 16.19 -10.58
C LYS D 121 8.46 17.41 -10.13
N ASP D 122 9.46 17.82 -10.95
CA ASP D 122 10.25 19.02 -10.68
C ASP D 122 9.41 20.19 -11.14
N ARG D 123 8.93 21.02 -10.19
CA ARG D 123 8.07 22.15 -10.50
C ARG D 123 8.68 23.51 -10.20
N LEU D 124 10.03 23.60 -10.15
CA LEU D 124 10.68 24.89 -9.88
C LEU D 124 10.23 25.97 -10.87
N THR D 125 10.36 25.70 -12.20
CA THR D 125 10.02 26.71 -13.20
C THR D 125 8.55 27.09 -13.17
N GLN D 126 7.69 26.11 -13.06
CA GLN D 126 6.24 26.35 -13.03
C GLN D 126 5.87 27.21 -11.82
N SER D 127 6.32 26.80 -10.63
CA SER D 127 5.95 27.54 -9.41
C SER D 127 6.53 28.97 -9.42
N LEU D 128 7.80 29.09 -9.83
CA LEU D 128 8.45 30.40 -9.87
C LEU D 128 7.76 31.30 -10.93
N ASN D 129 7.30 30.73 -12.05
CA ASN D 129 6.61 31.53 -13.07
C ASN D 129 5.30 32.11 -12.53
N HIS D 130 4.52 31.32 -11.76
CA HIS D 130 3.30 31.83 -11.15
C HIS D 130 3.63 32.89 -10.08
N LEU D 131 4.72 32.67 -9.33
CA LEU D 131 5.14 33.62 -8.28
C LEU D 131 5.43 34.98 -8.92
N PHE D 132 6.28 35.01 -9.97
CA PHE D 132 6.62 36.29 -10.61
C PHE D 132 5.35 36.98 -11.17
N THR D 133 4.44 36.22 -11.82
CA THR D 133 3.24 36.83 -12.38
C THR D 133 2.39 37.54 -11.34
N ALA D 134 2.20 36.91 -10.18
CA ALA D 134 1.42 37.50 -9.11
C ALA D 134 2.17 38.62 -8.39
N MET D 135 3.44 38.38 -8.01
CA MET D 135 4.16 39.36 -7.18
C MET D 135 4.55 40.62 -7.98
N ASP D 136 4.58 40.54 -9.33
CA ASP D 136 4.86 41.74 -10.13
C ASP D 136 3.78 42.83 -9.93
N SER D 137 2.61 42.48 -9.36
CA SER D 137 1.57 43.48 -9.09
C SER D 137 1.80 44.23 -7.77
N THR D 138 2.74 43.79 -6.93
CA THR D 138 3.04 44.46 -5.68
C THR D 138 4.28 45.36 -5.85
N ASP D 139 4.59 46.15 -4.83
CA ASP D 139 5.83 46.91 -4.82
C ASP D 139 6.77 46.48 -3.65
N ALA D 140 6.50 45.31 -3.02
CA ALA D 140 7.29 44.82 -1.91
C ALA D 140 8.58 44.18 -2.40
N ASP D 141 9.61 44.18 -1.56
CA ASP D 141 10.84 43.43 -1.85
C ASP D 141 10.48 41.97 -1.56
N VAL D 142 10.70 41.08 -2.54
CA VAL D 142 10.35 39.67 -2.37
C VAL D 142 11.61 38.85 -2.22
N VAL D 143 11.68 38.04 -1.15
CA VAL D 143 12.83 37.18 -0.93
C VAL D 143 12.34 35.73 -0.95
N ILE D 144 12.79 34.97 -1.95
CA ILE D 144 12.41 33.57 -2.14
C ILE D 144 13.35 32.69 -1.36
N TYR D 145 12.81 31.74 -0.58
CA TYR D 145 13.64 30.85 0.23
C TYR D 145 13.63 29.44 -0.35
N CYS D 146 14.80 28.81 -0.39
CA CYS D 146 14.94 27.44 -0.85
C CYS D 146 15.98 26.72 0.04
N ARG D 147 16.13 25.41 -0.09
CA ARG D 147 17.12 24.69 0.72
C ARG D 147 18.21 24.01 -0.13
N ASP D 148 17.95 23.77 -1.40
CA ASP D 148 18.88 23.05 -2.27
C ASP D 148 19.82 24.02 -3.03
N LYS D 149 21.14 23.67 -3.09
CA LYS D 149 22.11 24.52 -3.79
C LYS D 149 21.82 24.64 -5.31
N GLU D 150 21.39 23.56 -5.97
CA GLU D 150 21.07 23.64 -7.39
C GLU D 150 19.80 24.47 -7.61
N TRP D 151 18.82 24.38 -6.70
CA TRP D 151 17.60 25.20 -6.81
C TRP D 151 17.95 26.68 -6.61
N GLU D 152 18.85 27.01 -5.67
CA GLU D 152 19.30 28.40 -5.45
C GLU D 152 19.89 28.99 -6.73
N LYS D 153 20.79 28.25 -7.42
CA LYS D 153 21.40 28.75 -8.64
C LYS D 153 20.35 28.95 -9.73
N LYS D 154 19.43 27.98 -9.91
CA LYS D 154 18.38 28.08 -10.93
C LYS D 154 17.43 29.21 -10.66
N ILE D 155 17.06 29.45 -9.37
CA ILE D 155 16.18 30.57 -9.04
C ILE D 155 16.91 31.87 -9.31
N SER D 156 18.19 31.97 -8.88
CA SER D 156 18.97 33.19 -9.12
C SER D 156 19.10 33.48 -10.64
N GLU D 157 19.31 32.44 -11.45
CA GLU D 157 19.41 32.61 -12.91
C GLU D 157 18.08 33.12 -13.47
N ALA D 158 16.96 32.58 -12.97
CA ALA D 158 15.65 33.01 -13.44
C ALA D 158 15.38 34.47 -13.08
N ILE D 159 15.81 34.94 -11.89
CA ILE D 159 15.64 36.34 -11.52
C ILE D 159 16.47 37.25 -12.46
N GLN D 160 17.74 36.89 -12.67
CA GLN D 160 18.62 37.71 -13.49
C GLN D 160 18.21 37.75 -14.97
N MET D 161 17.62 36.65 -15.49
CA MET D 161 17.19 36.58 -16.90
C MET D 161 16.13 37.60 -17.28
N ARG D 162 15.33 38.04 -16.30
CA ARG D 162 14.27 39.01 -16.58
C ARG D 162 14.72 40.47 -16.51
N THR D 163 15.94 40.73 -16.02
CA THR D 163 16.48 42.09 -15.90
C THR D 163 17.11 42.55 -17.24
S DMS E . 7.02 -3.00 -4.69
O DMS E . 7.39 -2.20 -3.42
C1 DMS E . 7.48 -4.68 -4.51
C2 DMS E . 8.29 -2.62 -5.95
S DMS F . 24.22 -6.08 3.59
O DMS F . 24.16 -4.63 3.08
C1 DMS F . 24.38 -6.00 5.40
C2 DMS F . 25.94 -6.57 3.28
S DMS G . 24.33 -19.50 2.69
O DMS G . 24.43 -18.62 3.91
C1 DMS G . 23.96 -21.19 3.23
C2 DMS G . 26.01 -19.90 2.15
C TRS H . 27.49 -0.75 20.06
C1 TRS H . 26.43 -1.78 20.43
C2 TRS H . 26.85 0.51 19.47
C3 TRS H . 28.38 -0.41 21.27
N TRS H . 28.38 -1.35 18.99
O1 TRS H . 26.99 -2.97 21.02
O2 TRS H . 26.00 1.17 20.40
O3 TRS H . 29.46 0.44 20.92
S DMS I . 8.72 3.36 15.31
O DMS I . 8.34 1.94 15.56
C1 DMS I . 9.14 3.46 13.58
C2 DMS I . 10.40 3.72 15.94
S DMS J . 22.20 -12.95 4.98
O DMS J . 21.89 -11.94 6.06
C1 DMS J . 21.69 -12.22 3.41
C2 DMS J . 20.82 -14.14 5.03
S DMS K . 9.19 -25.03 10.37
O DMS K . 7.74 -25.25 10.70
C1 DMS K . 9.68 -26.47 9.32
C2 DMS K . 10.19 -25.78 11.68
CL CL L . 25.04 -10.92 6.16
CL CL M . 20.53 -19.36 3.66
CL CL N . 11.06 -16.79 -3.34
S DMS O . 39.71 -9.63 12.42
O DMS O . 38.91 -10.62 11.62
C1 DMS O . 40.99 -8.98 11.31
C2 DMS O . 40.84 -10.57 13.48
S DMS P . 12.71 -21.29 -2.77
O DMS P . 13.77 -20.26 -2.52
C1 DMS P . 11.16 -20.37 -2.94
C2 DMS P . 12.78 -21.76 -4.53
S DMS Q . 2.61 3.39 2.04
O DMS Q . 2.06 1.99 2.16
C1 DMS Q . 2.60 3.90 0.31
C2 DMS Q . 4.43 3.34 2.10
S DMS R . -2.47 -19.37 -18.76
O DMS R . -2.95 -20.33 -17.67
C1 DMS R . -1.59 -17.98 -18.07
C2 DMS R . -3.89 -18.44 -19.37
S DMS S . 3.50 -22.39 -17.43
O DMS S . 4.58 -22.67 -16.45
C1 DMS S . 2.45 -23.87 -17.59
C2 DMS S . 4.33 -22.65 -19.00
CL CL T . -0.82 -22.57 -20.35
S DMS U . -5.44 -15.56 -24.32
O DMS U . -6.75 -14.82 -24.28
C1 DMS U . -5.39 -16.46 -25.88
C2 DMS U . -5.55 -17.00 -23.21
CL CL V . -7.36 -15.13 -20.60
S DMS W . -16.33 -1.47 6.64
O DMS W . -16.28 -1.13 5.19
C1 DMS W . -16.70 0.04 7.47
C2 DMS W . -17.88 -2.28 6.90
CL CL X . -8.37 -6.82 -8.59
CL CL Y . -14.74 -4.32 4.54
S DMS Z . -34.41 3.50 -2.74
O DMS Z . -33.09 3.54 -3.45
C1 DMS Z . -34.24 4.25 -1.11
C2 DMS Z . -34.77 1.82 -2.16
S DMS AA . -16.95 -6.05 0.59
O DMS AA . -16.03 -4.94 1.05
C1 DMS AA . -17.89 -5.44 -0.82
C2 DMS AA . -18.39 -6.09 1.69
N1 A1BCJ BA . -16.80 -0.67 11.88
C4 A1BCJ BA . -17.09 0.37 10.89
C5 A1BCJ BA . -15.99 -1.73 11.55
C6 A1BCJ BA . -15.71 -2.70 12.45
C7 A1BCJ BA . -16.26 -2.61 13.74
C8 A1BCJ BA . -17.05 -1.56 14.08
C10 A1BCJ BA . -20.96 0.83 6.74
C13 A1BCJ BA . -20.63 0.51 4.00
C15 A1BCJ BA . -19.70 0.92 6.15
BR A1BCJ BA . -20.42 0.33 2.13
C12 A1BCJ BA . -21.89 0.41 4.55
C11 A1BCJ BA . -22.05 0.58 5.91
C14 A1BCJ BA . -19.54 0.75 4.79
C1 A1BCJ BA . -21.16 1.09 8.22
C A1BCJ BA . -21.24 2.59 8.52
C2 A1BCJ BA . -20.03 0.50 9.00
O1 A1BCJ BA . -20.03 -0.82 9.23
N2 A1BCJ BA . -18.88 -1.08 10.01
C3 A1BCJ BA . -18.35 0.09 10.15
N A1BCJ BA . -19.04 1.11 9.55
C9 A1BCJ BA . -17.36 -0.53 13.15
O A1BCJ BA . -18.06 0.45 13.39
C1 GOL CA . -24.65 2.06 11.13
O1 GOL CA . -24.31 1.47 9.87
C2 GOL CA . -26.15 2.17 11.28
O2 GOL CA . -26.81 1.10 10.62
C3 GOL CA . -26.58 2.25 12.74
O3 GOL CA . -25.82 3.21 13.46
S DMS DA . 8.10 23.17 -0.73
O DMS DA . 8.46 22.35 0.48
C1 DMS DA . 9.43 24.37 -0.81
C2 DMS DA . 6.93 24.43 -0.18
S DMS EA . 10.79 29.40 18.84
O DMS EA . 11.25 29.24 17.41
C1 DMS EA . 10.35 27.72 19.40
C2 DMS EA . 9.09 30.06 18.85
S DMS FA . 2.34 20.34 3.35
O DMS FA . 2.00 20.84 4.71
C1 DMS FA . 4.12 20.14 3.23
C2 DMS FA . 2.19 21.66 2.11
S DMS GA . -5.20 40.23 9.31
O DMS GA . -3.97 40.55 8.51
C1 DMS GA . -4.73 38.99 10.52
C2 DMS GA . -6.31 39.12 8.38
CL CL HA . 14.63 23.68 -2.41
CL CL IA . 4.87 21.52 -1.12
S DMS JA . 13.40 19.97 -4.37
O DMS JA . 14.80 20.50 -4.51
C1 DMS JA . 12.43 21.18 -3.43
C2 DMS JA . 13.43 18.70 -3.09
#